data_2GK6
#
_entry.id   2GK6
#
_cell.length_a   63.284
_cell.length_b   67.836
_cell.length_c   87.250
_cell.angle_alpha   114.41
_cell.angle_beta   90.13
_cell.angle_gamma   110.22
#
_symmetry.space_group_name_H-M   'P 1'
#
loop_
_entity.id
_entity.type
_entity.pdbx_description
1 polymer 'Regulator of nonsense transcripts 1'
2 non-polymer 'MAGNESIUM ION'
3 non-polymer 'PHOSPHATE ION'
4 non-polymer "ADENOSINE-5'-DIPHOSPHATE"
5 water water
#
_entity_poly.entity_id   1
_entity_poly.type   'polypeptide(L)'
_entity_poly.pdbx_seq_one_letter_code
;PLGSRYEDAYQYQNIFGPLVKLEADYDKKLKESQTQDNITVRWDLGLNKKRIAYFTLPKTDSDMRLMQGDEICLRYKGDL
APLWKGIGHVIKVPDNYGDEIAIELRSSVGAPVEVTHNFQVDFVWKSTSFDRMQSALKTFAVDETSVSGYIYHKLLGHEV
EDVIIKCQLPKRFTAQGLPDLNHSQVYAVKTVLQRPLSLIQGPPGTGKTVTSATIVYHLARQGNGPVLVCAPSNIAVDQL
TEKIHQTGLKVVRLCAKSREAIDSPVSFLALHNQIRNMDSMPELQKLQQLKDETGELSSADEKRYRALKRTAERELLMNA
DVICCTCVGAGDPRLAKMQFRSILIDESTQATEPECMVPVVLGAKQLILVGDHCQLGPVVMCKKAAKAGLSQSLFERLVV
LGIRPIRLQVQYRMHPALSAFPSNIFYEGSLQNGVTAADRVKKGFDFQWPQPDKPMFFYVTQGQEEIASSGTSYLNRTEA
ANVEKITTKLLKAGAKPDQIGIITPYEGQRSYLVQYMQFSGSLHTKLYQEVEIASVDAFQGREKDFIILSCVRANEHQGI
GFLNDPRRLNVALTRARYGVIIVGNPKALSKQPLWNHLLNYYKEQKVLVEGPLNNLRESLMQFS
;
_entity_poly.pdbx_strand_id   A,B
#
loop_
_chem_comp.id
_chem_comp.type
_chem_comp.name
_chem_comp.formula
ADP non-polymer ADENOSINE-5'-DIPHOSPHATE 'C10 H15 N5 O10 P2'
MG non-polymer 'MAGNESIUM ION' 'Mg 2'
PO4 non-polymer 'PHOSPHATE ION' 'O4 P -3'
#
# COMPACT_ATOMS: atom_id res chain seq x y z
N GLY A 3 27.82 7.78 48.55
CA GLY A 3 26.74 7.73 47.51
C GLY A 3 26.54 6.34 46.96
N SER A 4 26.18 6.24 45.69
CA SER A 4 26.13 4.94 45.01
C SER A 4 27.55 4.54 44.56
N ARG A 5 28.37 4.24 45.56
CA ARG A 5 29.77 3.92 45.39
C ARG A 5 30.02 2.51 45.89
N TYR A 6 30.79 1.74 45.13
CA TYR A 6 31.14 0.38 45.47
C TYR A 6 32.65 0.28 45.71
N GLU A 7 33.06 -0.64 46.57
CA GLU A 7 34.46 -0.80 46.94
C GLU A 7 35.22 -1.70 45.95
N ASP A 8 34.50 -2.59 45.28
CA ASP A 8 35.08 -3.42 44.22
C ASP A 8 33.98 -4.02 43.34
N ALA A 9 34.38 -4.73 42.28
CA ALA A 9 33.43 -5.33 41.35
C ALA A 9 32.67 -6.54 41.91
N TYR A 10 33.24 -7.22 42.90
CA TYR A 10 32.56 -8.37 43.51
C TYR A 10 31.34 -7.93 44.29
N GLN A 11 31.45 -6.82 45.01
CA GLN A 11 30.29 -6.23 45.68
C GLN A 11 29.29 -5.72 44.67
N TYR A 12 29.80 -5.18 43.57
CA TYR A 12 28.99 -4.65 42.50
C TYR A 12 28.14 -5.76 41.88
N GLN A 13 28.76 -6.91 41.61
CA GLN A 13 28.02 -8.10 41.17
C GLN A 13 27.09 -8.57 42.27
N ASN A 14 27.56 -8.55 43.52
CA ASN A 14 26.78 -9.06 44.65
C ASN A 14 25.44 -8.36 44.78
N ILE A 15 25.37 -7.11 44.34
CA ILE A 15 24.18 -6.27 44.47
C ILE A 15 23.30 -6.26 43.19
N PHE A 16 23.93 -6.24 42.01
CA PHE A 16 23.18 -6.14 40.74
C PHE A 16 22.71 -7.50 40.23
N GLY A 17 23.55 -8.52 40.42
CA GLY A 17 23.19 -9.90 40.10
C GLY A 17 21.85 -10.38 40.63
N PRO A 18 21.60 -10.23 41.93
CA PRO A 18 20.29 -10.56 42.51
C PRO A 18 19.14 -9.73 41.92
N LEU A 19 19.40 -8.48 41.63
CA LEU A 19 18.42 -7.58 40.99
C LEU A 19 17.98 -8.13 39.64
N VAL A 20 18.94 -8.61 38.84
CA VAL A 20 18.64 -9.24 37.57
C VAL A 20 17.85 -10.56 37.76
N LYS A 21 18.20 -11.37 38.75
CA LYS A 21 17.49 -12.64 39.02
C LYS A 21 16.03 -12.39 39.35
N LEU A 22 15.79 -11.37 40.18
CA LEU A 22 14.44 -10.94 40.54
C LEU A 22 13.59 -10.68 39.31
N GLU A 23 14.09 -9.86 38.39
CA GLU A 23 13.34 -9.47 37.19
C GLU A 23 13.26 -10.57 36.14
N ALA A 24 14.24 -11.47 36.14
CA ALA A 24 14.27 -12.56 35.16
C ALA A 24 13.16 -13.55 35.46
N ASP A 25 13.01 -13.91 36.72
CA ASP A 25 11.94 -14.81 37.13
C ASP A 25 10.58 -14.14 37.14
N TYR A 26 10.54 -12.86 37.50
CA TYR A 26 9.28 -12.12 37.42
C TYR A 26 8.77 -12.12 35.99
N ASP A 27 9.68 -11.87 35.04
CA ASP A 27 9.37 -11.94 33.62
C ASP A 27 8.91 -13.35 33.25
N LYS A 28 9.60 -14.38 33.75
CA LYS A 28 9.24 -15.77 33.48
C LYS A 28 7.82 -16.09 33.93
N LYS A 29 7.55 -15.86 35.21
CA LYS A 29 6.24 -16.12 35.82
C LYS A 29 5.13 -15.37 35.08
N LEU A 30 5.38 -14.10 34.79
CA LEU A 30 4.43 -13.25 34.08
C LEU A 30 4.05 -13.87 32.72
N LYS A 31 5.08 -14.25 31.97
CA LYS A 31 4.92 -14.84 30.64
C LYS A 31 4.16 -16.17 30.70
N GLU A 32 4.44 -16.97 31.72
CA GLU A 32 3.74 -18.26 31.91
C GLU A 32 2.26 -18.07 32.27
N SER A 33 1.97 -16.97 32.98
CA SER A 33 0.62 -16.61 33.40
C SER A 33 -0.21 -16.00 32.27
N GLN A 34 0.43 -15.66 31.15
CA GLN A 34 -0.27 -15.15 29.97
C GLN A 34 -0.91 -16.27 29.13
N THR A 35 -0.69 -17.53 29.51
CA THR A 35 -1.31 -18.67 28.82
C THR A 35 -2.84 -18.58 28.82
N GLN A 36 -3.43 -18.82 27.65
CA GLN A 36 -4.88 -18.87 27.48
C GLN A 36 -5.27 -20.15 26.75
N ASP A 37 -6.50 -20.61 26.96
CA ASP A 37 -7.00 -21.83 26.30
C ASP A 37 -8.32 -21.56 25.57
N ASN A 38 -8.85 -22.59 24.90
CA ASN A 38 -10.08 -22.48 24.09
C ASN A 38 -9.99 -21.35 23.07
N ILE A 39 -8.95 -21.39 22.22
CA ILE A 39 -8.64 -20.33 21.28
C ILE A 39 -8.95 -20.75 19.84
N THR A 40 -9.70 -19.93 19.14
CA THR A 40 -10.01 -20.15 17.73
C THR A 40 -8.86 -19.60 16.89
N VAL A 41 -8.44 -20.37 15.89
CA VAL A 41 -7.36 -19.99 14.97
C VAL A 41 -7.95 -19.70 13.58
N ARG A 42 -7.18 -19.03 12.73
CA ARG A 42 -7.45 -18.95 11.30
C ARG A 42 -6.14 -19.25 10.57
N TRP A 43 -6.11 -20.31 9.78
CA TRP A 43 -4.88 -20.70 9.12
C TRP A 43 -4.71 -20.00 7.78
N ASP A 44 -3.47 -19.95 7.31
CA ASP A 44 -3.14 -19.32 6.03
C ASP A 44 -1.81 -19.80 5.46
N LEU A 45 -1.45 -19.27 4.30
CA LEU A 45 -0.19 -19.61 3.66
C LEU A 45 0.39 -18.34 3.07
N GLY A 46 1.52 -17.91 3.62
CA GLY A 46 2.29 -16.82 3.04
C GLY A 46 2.88 -17.28 1.74
N LEU A 47 3.37 -16.34 0.93
CA LEU A 47 3.90 -16.67 -0.39
C LEU A 47 5.25 -17.38 -0.31
N ASN A 48 5.87 -17.34 0.88
CA ASN A 48 7.07 -18.12 1.19
C ASN A 48 6.80 -19.59 1.53
N LYS A 49 5.52 -19.97 1.58
CA LYS A 49 5.04 -21.32 1.96
C LYS A 49 5.04 -21.59 3.48
N LYS A 50 5.51 -20.63 4.27
CA LYS A 50 5.47 -20.73 5.73
C LYS A 50 4.06 -20.45 6.22
N ARG A 51 3.48 -21.43 6.93
CA ARG A 51 2.15 -21.27 7.51
C ARG A 51 2.07 -20.18 8.56
N ILE A 52 1.04 -19.37 8.45
CA ILE A 52 0.75 -18.32 9.41
C ILE A 52 -0.55 -18.72 10.11
N ALA A 53 -0.68 -18.37 11.39
CA ALA A 53 -1.86 -18.69 12.18
C ALA A 53 -2.36 -17.45 12.93
N TYR A 54 -3.64 -17.14 12.77
CA TYR A 54 -4.25 -15.94 13.32
C TYR A 54 -5.17 -16.31 14.48
N PHE A 55 -5.29 -15.45 15.47
CA PHE A 55 -6.15 -15.73 16.63
C PHE A 55 -6.30 -14.52 17.54
N THR A 56 -7.35 -14.52 18.35
CA THR A 56 -7.64 -13.40 19.25
C THR A 56 -7.69 -13.85 20.71
N LEU A 57 -7.23 -12.97 21.61
CA LEU A 57 -7.06 -13.28 23.03
C LEU A 57 -7.96 -12.40 23.91
N PRO A 58 -8.63 -13.01 24.90
CA PRO A 58 -9.47 -12.26 25.85
C PRO A 58 -8.81 -11.02 26.44
N LEU A 66 3.40 -7.44 24.15
CA LEU A 66 3.76 -8.27 22.99
C LEU A 66 4.50 -7.45 21.95
N MET A 67 5.26 -8.14 21.10
CA MET A 67 6.17 -7.49 20.18
C MET A 67 6.57 -8.41 19.04
N GLN A 68 6.71 -7.82 17.84
CA GLN A 68 7.12 -8.55 16.65
C GLN A 68 8.42 -9.30 16.92
N GLY A 69 8.47 -10.57 16.51
CA GLY A 69 9.63 -11.43 16.74
C GLY A 69 9.47 -12.41 17.89
N ASP A 70 8.77 -11.99 18.95
CA ASP A 70 8.52 -12.83 20.14
C ASP A 70 7.96 -14.19 19.77
N GLU A 71 8.41 -15.22 20.46
CA GLU A 71 7.93 -16.57 20.19
C GLU A 71 6.68 -16.89 21.00
N ILE A 72 5.72 -17.52 20.33
CA ILE A 72 4.53 -18.08 20.94
C ILE A 72 4.51 -19.57 20.61
N CYS A 73 3.89 -20.36 21.47
CA CYS A 73 3.77 -21.80 21.26
C CYS A 73 2.30 -22.21 21.13
N LEU A 74 1.91 -22.67 19.95
CA LEU A 74 0.54 -23.09 19.68
C LEU A 74 0.41 -24.61 19.87
N ARG A 75 -0.50 -25.01 20.76
CA ARG A 75 -0.79 -26.41 21.04
C ARG A 75 -2.25 -26.71 20.71
N TYR A 76 -2.51 -27.69 19.87
CA TYR A 76 -3.88 -28.16 19.67
C TYR A 76 -4.20 -29.22 20.72
N LYS A 77 -5.21 -28.93 21.55
CA LYS A 77 -5.75 -29.89 22.51
C LYS A 77 -7.24 -30.14 22.21
N GLY A 78 -7.51 -31.03 21.26
CA GLY A 78 -8.87 -31.36 20.87
C GLY A 78 -9.14 -32.85 20.72
N ASP A 79 -10.39 -33.19 20.46
CA ASP A 79 -10.86 -34.59 20.51
C ASP A 79 -10.29 -35.46 19.39
N LEU A 80 -9.94 -34.81 18.28
CA LEU A 80 -9.44 -35.49 17.09
C LEU A 80 -8.01 -36.07 17.26
N ALA A 81 -7.54 -36.79 16.24
CA ALA A 81 -6.26 -37.52 16.27
C ALA A 81 -4.96 -36.71 16.08
N PRO A 82 -5.01 -35.39 15.85
CA PRO A 82 -3.76 -34.62 15.88
C PRO A 82 -3.06 -34.57 17.27
N LEU A 83 -3.52 -33.71 18.18
CA LEU A 83 -2.76 -33.35 19.39
C LEU A 83 -1.31 -32.96 19.06
N TRP A 84 -1.12 -31.71 18.67
CA TRP A 84 0.10 -31.25 18.02
C TRP A 84 0.68 -30.02 18.72
N LYS A 85 2.00 -29.92 18.72
CA LYS A 85 2.69 -28.73 19.20
C LYS A 85 3.40 -28.06 18.04
N GLY A 86 3.54 -26.74 18.11
CA GLY A 86 4.25 -25.99 17.09
C GLY A 86 4.64 -24.61 17.56
N ILE A 87 5.89 -24.24 17.32
CA ILE A 87 6.37 -22.91 17.69
C ILE A 87 6.41 -22.02 16.46
N GLY A 88 6.08 -20.75 16.66
CA GLY A 88 6.23 -19.73 15.64
C GLY A 88 6.50 -18.38 16.27
N HIS A 89 6.80 -17.38 15.44
CA HIS A 89 7.12 -16.04 15.94
C HIS A 89 6.11 -15.00 15.47
N VAL A 90 5.84 -14.02 16.33
CA VAL A 90 4.82 -13.02 16.07
C VAL A 90 5.19 -12.21 14.84
N ILE A 91 4.16 -11.77 14.13
CA ILE A 91 4.31 -10.99 12.90
C ILE A 91 3.26 -9.87 12.80
N LYS A 92 2.40 -9.77 13.82
CA LYS A 92 1.35 -8.75 13.90
C LYS A 92 0.78 -8.75 15.32
N VAL A 93 0.85 -7.61 16.01
CA VAL A 93 0.30 -7.46 17.37
C VAL A 93 -1.04 -6.73 17.35
N PRO A 94 -1.85 -6.86 18.42
CA PRO A 94 -3.14 -6.17 18.49
C PRO A 94 -3.02 -4.65 18.45
N ASP A 95 -3.63 -4.02 17.46
CA ASP A 95 -3.55 -2.58 17.27
C ASP A 95 -4.90 -1.98 16.80
N ASN A 96 -4.86 -0.78 16.21
CA ASN A 96 -6.06 -0.08 15.73
C ASN A 96 -6.91 -0.87 14.73
N TYR A 97 -6.28 -1.77 13.98
CA TYR A 97 -6.99 -2.63 13.03
C TYR A 97 -7.84 -3.69 13.77
N GLY A 98 -7.25 -4.37 14.75
CA GLY A 98 -7.98 -5.37 15.52
C GLY A 98 -7.21 -5.99 16.68
N ASP A 99 -7.94 -6.60 17.61
CA ASP A 99 -7.35 -7.27 18.79
C ASP A 99 -6.63 -8.59 18.44
N GLU A 100 -6.57 -8.89 17.14
CA GLU A 100 -5.97 -10.12 16.63
C GLU A 100 -4.43 -10.13 16.72
N ILE A 101 -3.89 -11.35 16.85
CA ILE A 101 -2.45 -11.63 16.88
C ILE A 101 -2.13 -12.59 15.73
N ALA A 102 -0.89 -12.61 15.28
CA ALA A 102 -0.50 -13.45 14.15
C ALA A 102 0.94 -13.98 14.26
N ILE A 103 1.13 -15.28 14.07
CA ILE A 103 2.46 -15.90 14.12
C ILE A 103 2.75 -16.73 12.89
N GLU A 104 4.03 -16.93 12.62
CA GLU A 104 4.51 -17.69 11.46
C GLU A 104 5.31 -18.86 12.01
N LEU A 105 4.92 -20.08 11.67
CA LEU A 105 5.53 -21.28 12.25
C LEU A 105 6.91 -21.56 11.66
N ARG A 106 7.84 -21.98 12.52
CA ARG A 106 9.20 -22.29 12.10
C ARG A 106 9.26 -23.53 11.20
N SER A 107 8.34 -24.46 11.40
CA SER A 107 8.28 -25.69 10.62
C SER A 107 6.83 -26.11 10.45
N SER A 108 6.28 -25.81 9.28
CA SER A 108 4.85 -25.98 9.04
C SER A 108 4.50 -27.34 8.42
N VAL A 109 5.34 -28.35 8.66
CA VAL A 109 5.16 -29.65 8.02
C VAL A 109 3.87 -30.37 8.45
N GLY A 110 3.60 -30.43 9.75
CA GLY A 110 2.46 -31.17 10.28
C GLY A 110 1.45 -30.31 11.02
N ALA A 111 1.17 -29.11 10.50
CA ALA A 111 0.24 -28.19 11.15
C ALA A 111 -1.21 -28.60 10.92
N PRO A 112 -2.03 -28.64 11.96
CA PRO A 112 -3.44 -29.01 11.83
C PRO A 112 -4.28 -27.86 11.28
N VAL A 113 -4.22 -27.70 9.97
CA VAL A 113 -4.98 -26.67 9.25
C VAL A 113 -6.44 -27.12 9.17
N GLU A 114 -6.62 -28.45 9.18
CA GLU A 114 -7.92 -29.12 9.25
C GLU A 114 -8.85 -28.61 10.36
N VAL A 115 -8.31 -28.48 11.57
CA VAL A 115 -9.08 -28.03 12.73
C VAL A 115 -8.77 -26.58 13.06
N THR A 116 -9.61 -25.95 13.87
CA THR A 116 -9.43 -24.53 14.17
C THR A 116 -10.28 -24.05 15.35
N HIS A 117 -10.35 -24.83 16.43
CA HIS A 117 -11.22 -24.45 17.54
C HIS A 117 -10.63 -24.54 18.96
N ASN A 118 -10.02 -25.67 19.32
CA ASN A 118 -9.56 -25.86 20.71
C ASN A 118 -8.04 -25.77 20.88
N PHE A 119 -7.50 -24.57 20.74
CA PHE A 119 -6.06 -24.33 20.84
C PHE A 119 -5.68 -23.64 22.15
N GLN A 120 -4.43 -23.85 22.57
CA GLN A 120 -3.83 -23.15 23.70
C GLN A 120 -2.66 -22.31 23.19
N VAL A 121 -2.53 -21.10 23.71
CA VAL A 121 -1.44 -20.20 23.34
C VAL A 121 -0.53 -20.02 24.55
N ASP A 122 0.78 -20.18 24.34
CA ASP A 122 1.76 -20.02 25.40
C ASP A 122 2.84 -19.04 24.91
N PHE A 123 3.15 -18.04 25.73
CA PHE A 123 4.19 -17.09 25.38
C PHE A 123 5.53 -17.60 25.89
N VAL A 124 6.40 -17.95 24.95
CA VAL A 124 7.69 -18.57 25.25
C VAL A 124 8.65 -17.56 25.89
N TRP A 125 9.08 -17.88 27.11
CA TRP A 125 10.03 -17.07 27.86
C TRP A 125 11.46 -17.35 27.40
N LYS A 126 12.23 -16.30 27.19
CA LYS A 126 13.63 -16.46 26.86
C LYS A 126 14.54 -15.77 27.88
N SER A 127 15.52 -16.54 28.33
CA SER A 127 16.47 -16.16 29.36
C SER A 127 17.66 -15.37 28.82
N THR A 128 17.79 -15.30 27.50
CA THR A 128 19.00 -14.78 26.82
C THR A 128 19.53 -13.47 27.39
N SER A 129 18.67 -12.47 27.40
CA SER A 129 19.05 -11.13 27.87
C SER A 129 19.52 -11.18 29.31
N PHE A 130 18.76 -11.87 30.16
CA PHE A 130 19.08 -11.99 31.59
C PHE A 130 20.39 -12.73 31.82
N ASP A 131 20.59 -13.85 31.13
CA ASP A 131 21.86 -14.60 31.19
C ASP A 131 23.09 -13.76 30.82
N ARG A 132 22.91 -12.83 29.88
CA ARG A 132 24.01 -12.02 29.38
C ARG A 132 24.34 -10.91 30.36
N MET A 133 23.32 -10.37 31.02
CA MET A 133 23.52 -9.34 32.03
C MET A 133 24.26 -9.95 33.21
N GLN A 134 23.81 -11.11 33.65
CA GLN A 134 24.46 -11.87 34.72
C GLN A 134 25.92 -12.24 34.38
N SER A 135 26.14 -12.63 33.13
CA SER A 135 27.46 -13.02 32.66
C SER A 135 28.37 -11.81 32.57
N ALA A 136 27.81 -10.68 32.14
CA ALA A 136 28.51 -9.42 32.08
C ALA A 136 29.03 -8.99 33.45
N LEU A 137 28.18 -9.08 34.46
CA LEU A 137 28.56 -8.70 35.81
C LEU A 137 29.69 -9.59 36.32
N LYS A 138 29.62 -10.88 36.00
CA LYS A 138 30.62 -11.86 36.43
C LYS A 138 31.97 -11.54 35.80
N THR A 139 31.94 -11.20 34.52
CA THR A 139 33.13 -10.78 33.79
C THR A 139 33.74 -9.52 34.41
N PHE A 140 32.89 -8.60 34.86
CA PHE A 140 33.35 -7.34 35.44
C PHE A 140 34.09 -7.56 36.75
N ALA A 141 33.72 -8.62 37.47
CA ALA A 141 34.36 -8.98 38.72
C ALA A 141 35.63 -9.81 38.54
N VAL A 142 35.61 -10.73 37.57
CA VAL A 142 36.64 -11.77 37.45
C VAL A 142 37.67 -11.50 36.33
N ASP A 143 37.24 -10.87 35.25
CA ASP A 143 38.15 -10.53 34.16
C ASP A 143 38.59 -9.07 34.26
N GLU A 144 39.85 -8.89 34.64
CA GLU A 144 40.45 -7.55 34.75
C GLU A 144 40.73 -6.86 33.40
N THR A 145 40.71 -7.63 32.31
CA THR A 145 40.93 -7.06 30.96
C THR A 145 39.64 -6.51 30.36
N SER A 146 38.53 -6.60 31.10
CA SER A 146 37.20 -6.23 30.64
C SER A 146 37.00 -4.72 30.55
N VAL A 147 37.64 -3.98 31.45
CA VAL A 147 37.68 -2.51 31.39
C VAL A 147 39.06 -2.02 31.81
N SER A 148 39.39 -0.79 31.43
CA SER A 148 40.77 -0.30 31.49
C SER A 148 41.38 -0.22 32.88
N GLY A 149 40.58 0.05 33.90
CA GLY A 149 41.13 0.26 35.23
C GLY A 149 40.71 1.63 35.71
N TYR A 150 41.02 2.65 34.93
CA TYR A 150 40.45 3.96 35.14
C TYR A 150 38.93 3.87 35.01
N ILE A 151 38.45 3.17 33.99
CA ILE A 151 37.02 2.98 33.82
C ILE A 151 36.42 2.22 35.01
N TYR A 152 37.14 1.20 35.47
CA TYR A 152 36.74 0.40 36.64
C TYR A 152 36.56 1.29 37.86
N HIS A 153 37.59 2.06 38.20
CA HIS A 153 37.56 3.00 39.31
C HIS A 153 36.43 4.02 39.19
N LYS A 154 36.14 4.44 37.96
CA LYS A 154 35.16 5.48 37.74
C LYS A 154 33.74 4.96 37.91
N LEU A 155 33.47 3.77 37.39
CA LEU A 155 32.14 3.17 37.48
C LEU A 155 31.80 2.80 38.92
N LEU A 156 32.83 2.48 39.71
CA LEU A 156 32.63 2.09 41.10
C LEU A 156 32.58 3.29 42.05
N GLY A 157 32.70 4.49 41.49
CA GLY A 157 32.62 5.71 42.26
C GLY A 157 33.89 6.08 43.00
N HIS A 158 34.98 5.37 42.75
CA HIS A 158 36.30 5.70 43.31
C HIS A 158 36.80 7.03 42.76
N GLU A 159 37.56 7.77 43.56
CA GLU A 159 38.08 9.05 43.12
C GLU A 159 39.51 8.89 42.58
N VAL A 160 39.60 8.97 41.26
CA VAL A 160 40.85 8.86 40.52
C VAL A 160 41.02 10.12 39.68
N GLU A 161 42.27 10.55 39.50
CA GLU A 161 42.54 11.77 38.76
C GLU A 161 42.04 11.63 37.31
N ASP A 162 41.63 12.75 36.74
CA ASP A 162 41.21 12.78 35.33
C ASP A 162 42.34 12.32 34.41
N VAL A 163 41.95 11.79 33.25
CA VAL A 163 42.88 11.34 32.23
C VAL A 163 42.51 12.00 30.92
N ILE A 164 43.53 12.35 30.14
CA ILE A 164 43.30 12.90 28.80
C ILE A 164 43.86 11.95 27.75
N ILE A 165 42.97 11.49 26.86
CA ILE A 165 43.34 10.71 25.68
C ILE A 165 44.04 11.67 24.72
N LYS A 166 45.22 11.29 24.25
CA LYS A 166 46.06 12.19 23.45
C LYS A 166 46.00 11.86 21.96
N CYS A 167 44.78 11.64 21.48
CA CYS A 167 44.52 11.30 20.08
C CYS A 167 44.82 12.45 19.13
N GLN A 168 44.77 12.15 17.84
CA GLN A 168 44.85 13.17 16.81
C GLN A 168 43.46 13.78 16.65
N LEU A 169 43.32 15.04 17.05
CA LEU A 169 42.06 15.76 16.89
C LEU A 169 41.84 16.13 15.43
N PRO A 170 40.61 16.08 14.93
CA PRO A 170 40.32 16.54 13.58
C PRO A 170 40.41 18.05 13.48
N LYS A 171 40.75 18.58 12.30
CA LYS A 171 40.70 20.02 12.05
C LYS A 171 39.24 20.48 11.96
N ARG A 172 38.40 19.66 11.32
CA ARG A 172 36.96 19.91 11.19
C ARG A 172 36.18 18.80 11.92
N PHE A 173 35.31 19.19 12.85
CA PHE A 173 34.61 18.22 13.70
C PHE A 173 33.37 17.61 13.06
N THR A 174 32.70 18.39 12.22
CA THR A 174 31.64 17.87 11.36
C THR A 174 32.17 16.72 10.51
N ALA A 175 31.35 15.69 10.32
CA ALA A 175 31.75 14.53 9.56
C ALA A 175 31.10 14.53 8.18
N GLN A 176 31.78 13.93 7.22
CA GLN A 176 31.28 13.75 5.86
C GLN A 176 29.89 13.12 5.90
N GLY A 177 28.92 13.73 5.22
CA GLY A 177 27.59 13.16 5.06
C GLY A 177 26.56 13.51 6.12
N LEU A 178 27.00 14.02 7.26
CA LEU A 178 26.10 14.43 8.34
C LEU A 178 25.99 15.95 8.40
N PRO A 179 24.98 16.46 9.11
CA PRO A 179 24.79 17.91 9.27
C PRO A 179 25.94 18.64 9.95
N ASP A 180 26.04 19.94 9.68
CA ASP A 180 27.08 20.79 10.26
C ASP A 180 26.86 20.98 11.76
N LEU A 181 27.79 20.46 12.56
CA LEU A 181 27.70 20.53 14.02
C LEU A 181 27.52 21.97 14.50
N ASN A 182 26.64 22.15 15.50
CA ASN A 182 26.47 23.44 16.16
C ASN A 182 27.42 23.55 17.36
N HIS A 183 27.48 24.73 17.98
CA HIS A 183 28.45 25.01 19.04
C HIS A 183 28.45 24.00 20.18
N SER A 184 27.25 23.66 20.69
CA SER A 184 27.16 22.70 21.79
C SER A 184 27.63 21.30 21.38
N GLN A 185 27.36 20.91 20.13
CA GLN A 185 27.78 19.62 19.57
C GLN A 185 29.27 19.58 19.26
N VAL A 186 29.82 20.68 18.75
CA VAL A 186 31.27 20.77 18.54
C VAL A 186 31.96 20.62 19.89
N TYR A 187 31.40 21.26 20.92
CA TYR A 187 31.97 21.19 22.25
C TYR A 187 31.94 19.76 22.80
N ALA A 188 30.85 19.04 22.50
CA ALA A 188 30.66 17.68 22.99
C ALA A 188 31.58 16.67 22.31
N VAL A 189 31.61 16.70 20.98
CA VAL A 189 32.44 15.78 20.20
C VAL A 189 33.92 15.99 20.52
N LYS A 190 34.31 17.26 20.66
CA LYS A 190 35.68 17.66 20.94
C LYS A 190 36.12 17.12 22.29
N THR A 191 35.32 17.40 23.31
CA THR A 191 35.62 17.04 24.69
C THR A 191 35.69 15.52 24.86
N VAL A 192 34.76 14.85 24.19
CA VAL A 192 34.49 13.43 24.41
C VAL A 192 35.57 12.53 23.81
N LEU A 193 36.19 13.00 22.72
CA LEU A 193 37.25 12.24 22.08
C LEU A 193 38.50 12.21 22.94
N GLN A 194 38.59 13.16 23.88
CA GLN A 194 39.76 13.31 24.74
C GLN A 194 39.56 12.79 26.17
N ARG A 195 38.44 12.13 26.43
CA ARG A 195 38.14 11.61 27.76
C ARG A 195 37.81 10.12 27.70
N PRO A 196 38.40 9.31 28.58
CA PRO A 196 38.05 7.89 28.64
C PRO A 196 36.60 7.58 29.07
N LEU A 197 35.90 8.55 29.65
CA LEU A 197 34.52 8.37 30.06
C LEU A 197 33.77 9.69 30.02
N SER A 198 32.61 9.71 29.40
CA SER A 198 31.81 10.94 29.28
C SER A 198 30.32 10.67 29.07
N LEU A 199 29.50 11.59 29.57
CA LEU A 199 28.05 11.53 29.38
C LEU A 199 27.64 12.74 28.55
N ILE A 200 26.74 12.54 27.59
CA ILE A 200 26.16 13.63 26.80
C ILE A 200 24.67 13.63 27.05
N GLN A 201 24.14 14.70 27.65
CA GLN A 201 22.72 14.82 27.81
C GLN A 201 22.15 15.49 26.57
N GLY A 202 21.11 14.88 26.01
CA GLY A 202 20.49 15.36 24.79
C GLY A 202 19.00 15.54 24.95
N PRO A 203 18.56 16.75 25.25
CA PRO A 203 17.12 17.07 25.30
C PRO A 203 16.44 16.72 23.97
N PRO A 204 15.12 16.56 23.98
CA PRO A 204 14.37 16.26 22.74
C PRO A 204 14.79 17.06 21.50
N GLY A 205 15.29 16.35 20.49
CA GLY A 205 15.61 16.93 19.20
C GLY A 205 16.94 17.66 19.10
N THR A 206 17.86 17.42 20.03
CA THR A 206 19.09 18.21 20.10
C THR A 206 20.29 17.60 19.37
N GLY A 207 20.08 16.50 18.66
CA GLY A 207 21.14 15.86 17.90
C GLY A 207 21.98 14.84 18.67
N LYS A 208 21.34 14.02 19.49
CA LYS A 208 21.98 12.88 20.16
C LYS A 208 22.60 11.90 19.17
N THR A 209 21.81 11.56 18.16
CA THR A 209 22.18 10.54 17.18
C THR A 209 23.09 11.05 16.08
N VAL A 210 22.85 12.27 15.57
CA VAL A 210 23.81 12.94 14.70
C VAL A 210 25.16 13.07 15.41
N THR A 211 25.15 13.54 16.66
CA THR A 211 26.38 13.73 17.41
C THR A 211 27.10 12.41 17.66
N SER A 212 26.36 11.42 18.15
CA SER A 212 26.88 10.07 18.35
C SER A 212 27.54 9.56 17.07
N ALA A 213 26.84 9.74 15.96
CA ALA A 213 27.31 9.28 14.67
C ALA A 213 28.60 9.99 14.29
N THR A 214 28.70 11.26 14.67
CA THR A 214 29.90 12.05 14.43
C THR A 214 31.07 11.57 15.29
N ILE A 215 30.81 11.26 16.56
CA ILE A 215 31.84 10.78 17.47
C ILE A 215 32.42 9.47 16.97
N VAL A 216 31.57 8.59 16.45
CA VAL A 216 31.99 7.27 15.98
C VAL A 216 32.80 7.42 14.72
N TYR A 217 32.44 8.40 13.90
CA TYR A 217 33.20 8.73 12.70
C TYR A 217 34.66 8.99 13.08
N HIS A 218 34.88 9.85 14.05
CA HIS A 218 36.24 10.25 14.41
C HIS A 218 36.98 9.14 15.15
N LEU A 219 36.27 8.41 16.01
CA LEU A 219 36.85 7.24 16.67
C LEU A 219 37.21 6.12 15.68
N ALA A 220 36.45 6.01 14.59
CA ALA A 220 36.73 5.00 13.56
C ALA A 220 37.87 5.45 12.62
N ARG A 221 38.08 6.76 12.51
CA ARG A 221 39.13 7.33 11.66
C ARG A 221 40.53 7.27 12.29
N GLN A 222 40.70 6.44 13.33
CA GLN A 222 41.98 6.33 14.04
C GLN A 222 42.56 4.93 13.85
N GLY A 223 43.77 4.73 14.36
CA GLY A 223 44.53 3.50 14.12
C GLY A 223 44.21 2.36 15.08
N ASN A 224 42.94 2.23 15.47
CA ASN A 224 42.50 1.19 16.39
C ASN A 224 41.32 0.39 15.82
N GLY A 225 40.97 -0.70 16.48
CA GLY A 225 39.99 -1.65 15.97
C GLY A 225 38.57 -1.13 15.79
N PRO A 226 37.62 -2.02 15.51
CA PRO A 226 36.23 -1.61 15.29
C PRO A 226 35.59 -0.96 16.52
N VAL A 227 34.88 0.14 16.30
CA VAL A 227 34.13 0.82 17.35
C VAL A 227 32.85 0.04 17.61
N LEU A 228 32.55 -0.23 18.89
CA LEU A 228 31.29 -0.85 19.27
C LEU A 228 30.29 0.27 19.54
N VAL A 229 29.09 0.13 18.99
CA VAL A 229 28.06 1.16 19.07
C VAL A 229 26.74 0.46 19.35
N CYS A 230 26.14 0.73 20.50
CA CYS A 230 24.91 0.04 20.88
C CYS A 230 23.81 1.00 21.34
N ALA A 231 22.62 0.44 21.53
CA ALA A 231 21.49 1.15 22.12
C ALA A 231 20.44 0.13 22.59
N PRO A 232 19.58 0.47 23.54
CA PRO A 232 18.62 -0.50 24.11
C PRO A 232 17.60 -1.08 23.11
N SER A 233 17.09 -0.28 22.17
CA SER A 233 16.08 -0.79 21.22
C SER A 233 16.62 -0.99 19.81
N ASN A 234 16.03 -1.95 19.10
CA ASN A 234 16.36 -2.20 17.71
C ASN A 234 16.10 -0.97 16.83
N ILE A 235 15.09 -0.18 17.17
CA ILE A 235 14.81 1.08 16.47
C ILE A 235 15.95 2.07 16.68
N ALA A 236 16.37 2.23 17.93
CA ALA A 236 17.44 3.17 18.27
C ALA A 236 18.77 2.81 17.58
N VAL A 237 19.02 1.52 17.42
CA VAL A 237 20.24 1.03 16.78
C VAL A 237 20.17 1.23 15.26
N ASP A 238 18.99 1.06 14.68
CA ASP A 238 18.81 1.28 13.24
C ASP A 238 19.08 2.72 12.88
N GLN A 239 18.59 3.65 13.70
CA GLN A 239 18.73 5.07 13.44
C GLN A 239 20.18 5.51 13.50
N LEU A 240 20.93 4.96 14.46
CA LEU A 240 22.35 5.24 14.56
C LEU A 240 23.12 4.54 13.42
N THR A 241 22.67 3.35 13.05
CA THR A 241 23.28 2.61 11.95
C THR A 241 23.21 3.40 10.63
N GLU A 242 22.06 4.03 10.41
CA GLU A 242 21.85 4.82 9.19
C GLU A 242 22.82 5.99 9.14
N LYS A 243 22.96 6.69 10.26
CA LYS A 243 23.75 7.89 10.32
C LYS A 243 25.24 7.59 10.21
N ILE A 244 25.69 6.48 10.77
CA ILE A 244 27.07 6.05 10.63
C ILE A 244 27.35 5.72 9.17
N HIS A 245 26.38 5.11 8.50
CA HIS A 245 26.51 4.72 7.11
C HIS A 245 26.61 5.91 6.18
N GLN A 246 25.97 7.01 6.54
CA GLN A 246 25.99 8.24 5.74
C GLN A 246 27.38 8.90 5.70
N THR A 247 28.29 8.49 6.59
CA THR A 247 29.64 9.06 6.67
C THR A 247 30.73 8.31 5.89
N GLY A 248 30.35 7.25 5.19
CA GLY A 248 31.28 6.48 4.38
C GLY A 248 31.94 5.30 5.08
N LEU A 249 31.73 5.15 6.38
CA LEU A 249 32.34 4.05 7.13
C LEU A 249 31.69 2.72 6.79
N LYS A 250 32.46 1.65 6.91
CA LYS A 250 31.95 0.30 6.73
C LYS A 250 31.29 -0.15 8.05
N VAL A 251 29.97 -0.32 8.00
CA VAL A 251 29.18 -0.63 9.19
C VAL A 251 28.57 -2.02 9.07
N VAL A 252 28.47 -2.72 10.20
CA VAL A 252 27.82 -4.02 10.26
C VAL A 252 26.75 -3.99 11.36
N ARG A 253 25.51 -4.28 10.96
CA ARG A 253 24.41 -4.36 11.90
C ARG A 253 24.30 -5.80 12.35
N LEU A 254 24.37 -6.02 13.65
CA LEU A 254 24.26 -7.35 14.23
C LEU A 254 22.84 -7.53 14.75
N CYS A 255 22.11 -8.44 14.11
CA CYS A 255 20.71 -8.70 14.46
C CYS A 255 20.61 -9.97 15.27
N ALA A 256 19.66 -10.01 16.21
CA ALA A 256 19.37 -11.23 16.94
C ALA A 256 18.85 -12.25 15.94
N LYS A 257 19.23 -13.50 16.15
CA LYS A 257 18.96 -14.58 15.19
C LYS A 257 17.47 -14.59 14.76
N SER A 258 16.57 -14.45 15.72
CA SER A 258 15.12 -14.43 15.46
C SER A 258 14.70 -13.20 14.64
N ARG A 259 15.21 -12.03 14.99
CA ARG A 259 14.87 -10.77 14.30
C ARG A 259 15.48 -10.64 12.90
N GLU A 260 16.39 -11.55 12.53
CA GLU A 260 17.02 -11.56 11.21
C GLU A 260 15.97 -11.46 10.12
N ALA A 261 14.85 -12.16 10.30
CA ALA A 261 13.69 -11.99 9.44
C ALA A 261 12.97 -10.69 9.82
N ILE A 262 13.27 -9.63 9.05
CA ILE A 262 12.66 -8.30 9.23
C ILE A 262 13.27 -7.30 8.22
N ASP A 263 12.48 -6.31 7.82
CA ASP A 263 12.92 -5.26 6.90
C ASP A 263 12.94 -3.88 7.59
N SER A 264 14.13 -3.29 7.64
CA SER A 264 14.34 -1.94 8.16
C SER A 264 15.03 -1.11 7.09
N PRO A 265 15.19 0.20 7.32
CA PRO A 265 16.01 1.04 6.42
C PRO A 265 17.48 0.62 6.33
N VAL A 266 17.96 -0.18 7.29
CA VAL A 266 19.34 -0.67 7.30
C VAL A 266 19.40 -2.21 7.23
N SER A 267 18.57 -2.80 6.37
CA SER A 267 18.51 -4.25 6.18
C SER A 267 19.72 -4.76 5.38
N PHE A 268 20.12 -4.00 4.37
CA PHE A 268 21.36 -4.28 3.63
C PHE A 268 22.62 -4.29 4.50
N LEU A 269 22.57 -3.63 5.65
CA LEU A 269 23.72 -3.57 6.55
C LEU A 269 23.83 -4.78 7.48
N ALA A 270 22.72 -5.47 7.72
CA ALA A 270 22.71 -6.69 8.54
C ALA A 270 23.79 -7.69 8.12
N LEU A 271 24.43 -8.32 9.11
CA LEU A 271 25.53 -9.24 8.87
C LEU A 271 25.08 -10.44 8.02
N HIS A 272 23.93 -11.00 8.38
CA HIS A 272 23.38 -12.15 7.68
C HIS A 272 23.06 -11.86 6.21
N ASN A 273 22.70 -10.61 5.89
CA ASN A 273 22.49 -10.20 4.50
C ASN A 273 23.80 -9.91 3.76
N GLN A 274 24.74 -9.26 4.42
CA GLN A 274 26.06 -8.97 3.84
C GLN A 274 26.81 -10.26 3.52
N ILE A 275 26.45 -11.34 4.23
CA ILE A 275 27.04 -12.66 4.02
C ILE A 275 26.42 -13.33 2.80
N ARG A 276 25.12 -13.14 2.63
CA ARG A 276 24.40 -13.62 1.46
C ARG A 276 24.81 -12.89 0.17
N ASN A 277 25.85 -12.06 0.23
CA ASN A 277 26.36 -11.32 -0.91
C ASN A 277 27.88 -11.13 -0.81
N MET A 278 28.63 -12.18 -1.12
CA MET A 278 30.10 -12.12 -1.07
C MET A 278 30.73 -12.78 -2.31
N ASP A 279 31.55 -12.02 -3.02
CA ASP A 279 32.28 -12.52 -4.17
C ASP A 279 33.51 -13.34 -3.74
N SER A 280 34.03 -13.05 -2.54
CA SER A 280 35.21 -13.75 -2.02
C SER A 280 34.92 -15.18 -1.56
N MET A 281 33.65 -15.50 -1.33
CA MET A 281 33.24 -16.83 -0.82
C MET A 281 32.25 -17.47 -1.78
N PRO A 282 32.74 -18.16 -2.81
CA PRO A 282 31.86 -18.81 -3.80
C PRO A 282 31.17 -20.05 -3.24
N GLU A 283 31.93 -20.92 -2.61
CA GLU A 283 31.40 -22.16 -2.02
C GLU A 283 30.31 -21.91 -0.98
N LEU A 284 30.33 -20.73 -0.35
CA LEU A 284 29.31 -20.36 0.63
C LEU A 284 28.01 -19.96 -0.06
N GLN A 285 28.12 -19.13 -1.09
CA GLN A 285 26.94 -18.65 -1.81
C GLN A 285 26.08 -19.82 -2.29
N LYS A 286 26.70 -20.79 -2.94
CA LYS A 286 25.99 -21.95 -3.51
C LYS A 286 25.27 -22.79 -2.45
N LEU A 287 25.90 -22.98 -1.29
CA LEU A 287 25.29 -23.76 -0.20
C LEU A 287 24.05 -23.07 0.41
N GLN A 288 24.10 -21.75 0.51
CA GLN A 288 22.95 -20.95 0.92
C GLN A 288 21.88 -20.98 -0.17
N GLN A 289 22.35 -21.07 -1.42
CA GLN A 289 21.49 -21.22 -2.60
C GLN A 289 21.27 -22.71 -2.90
N LEU A 290 21.19 -23.51 -1.84
CA LEU A 290 20.98 -24.96 -1.94
C LEU A 290 19.86 -25.42 -1.02
N LYS A 291 19.71 -24.76 0.14
CA LYS A 291 18.60 -25.05 1.05
C LYS A 291 17.30 -24.33 0.62
N ASP A 292 17.01 -24.35 -0.68
CA ASP A 292 15.84 -23.67 -1.25
C ASP A 292 15.10 -24.59 -2.23
N LEU A 297 18.65 -29.32 2.49
CA LEU A 297 19.75 -29.54 3.41
C LEU A 297 20.38 -30.91 3.23
N SER A 298 21.71 -30.96 3.31
CA SER A 298 22.48 -32.21 3.22
C SER A 298 23.52 -32.27 4.35
N SER A 299 23.63 -33.43 5.01
CA SER A 299 24.43 -33.58 6.23
C SER A 299 25.90 -33.12 6.09
N ALA A 300 26.56 -33.54 5.01
CA ALA A 300 27.94 -33.14 4.75
C ALA A 300 28.05 -31.69 4.26
N ASP A 301 27.05 -31.26 3.50
CA ASP A 301 26.95 -29.86 3.06
C ASP A 301 26.66 -28.90 4.21
N GLU A 302 26.13 -29.44 5.31
CA GLU A 302 25.73 -28.64 6.46
C GLU A 302 26.95 -28.27 7.30
N LYS A 303 27.89 -29.19 7.44
CA LYS A 303 29.12 -28.94 8.17
C LYS A 303 29.99 -27.93 7.43
N ARG A 304 30.00 -28.01 6.10
CA ARG A 304 30.75 -27.07 5.28
C ARG A 304 30.09 -25.70 5.28
N TYR A 305 28.77 -25.68 5.40
CA TYR A 305 28.00 -24.44 5.36
C TYR A 305 28.22 -23.60 6.62
N ARG A 306 28.31 -24.25 7.78
CA ARG A 306 28.47 -23.55 9.05
C ARG A 306 29.91 -23.13 9.27
N ALA A 307 30.85 -23.95 8.81
CA ALA A 307 32.27 -23.59 8.86
C ALA A 307 32.54 -22.35 8.00
N LEU A 308 31.83 -22.22 6.87
CA LEU A 308 32.04 -21.12 5.94
C LEU A 308 31.31 -19.86 6.42
N LYS A 309 30.05 -20.02 6.77
CA LYS A 309 29.25 -18.94 7.37
C LYS A 309 30.01 -18.34 8.54
N ARG A 310 30.59 -19.19 9.38
CA ARG A 310 31.41 -18.74 10.51
C ARG A 310 32.63 -17.95 10.03
N THR A 311 33.33 -18.47 9.01
CA THR A 311 34.48 -17.79 8.44
C THR A 311 34.12 -16.40 7.88
N ALA A 312 32.92 -16.29 7.30
CA ALA A 312 32.44 -15.07 6.67
C ALA A 312 32.07 -14.02 7.72
N GLU A 313 31.21 -14.40 8.67
CA GLU A 313 30.85 -13.56 9.80
C GLU A 313 32.10 -12.91 10.37
N ARG A 314 33.09 -13.76 10.65
CA ARG A 314 34.37 -13.36 11.23
C ARG A 314 35.12 -12.30 10.44
N GLU A 315 35.10 -12.39 9.12
CA GLU A 315 35.79 -11.41 8.29
C GLU A 315 35.08 -10.07 8.26
N LEU A 316 33.76 -10.11 8.03
CA LEU A 316 32.95 -8.89 8.00
C LEU A 316 32.99 -8.17 9.35
N LEU A 317 33.01 -8.95 10.42
CA LEU A 317 32.95 -8.40 11.78
C LEU A 317 34.28 -7.73 12.14
N MET A 318 35.37 -8.42 11.82
CA MET A 318 36.69 -8.02 12.32
C MET A 318 37.30 -6.88 11.52
N ASN A 319 36.75 -6.60 10.36
CA ASN A 319 37.30 -5.58 9.47
C ASN A 319 36.33 -4.43 9.21
N ALA A 320 35.19 -4.46 9.90
CA ALA A 320 34.27 -3.32 9.95
C ALA A 320 34.91 -2.19 10.74
N ASP A 321 34.58 -0.97 10.36
CA ASP A 321 34.92 0.22 11.15
C ASP A 321 33.99 0.36 12.36
N VAL A 322 32.75 -0.11 12.22
CA VAL A 322 31.73 0.04 13.25
C VAL A 322 30.84 -1.19 13.27
N ILE A 323 30.55 -1.67 14.48
CA ILE A 323 29.60 -2.75 14.68
C ILE A 323 28.47 -2.17 15.50
N CYS A 324 27.27 -2.23 14.95
CA CYS A 324 26.09 -1.70 15.60
C CYS A 324 25.28 -2.85 16.16
N CYS A 325 24.81 -2.67 17.38
CA CYS A 325 24.32 -3.77 18.20
C CYS A 325 23.43 -3.20 19.26
N THR A 326 22.33 -3.87 19.56
CA THR A 326 21.59 -3.54 20.76
C THR A 326 22.47 -3.91 21.97
N CYS A 327 22.22 -3.32 23.13
CA CYS A 327 23.06 -3.56 24.30
C CYS A 327 23.14 -5.06 24.59
N VAL A 328 21.99 -5.70 24.64
CA VAL A 328 21.88 -7.13 24.97
C VAL A 328 22.51 -7.95 23.84
N GLY A 329 22.37 -7.45 22.62
CA GLY A 329 22.96 -8.06 21.44
C GLY A 329 24.47 -8.01 21.37
N ALA A 330 25.11 -7.24 22.25
CA ALA A 330 26.57 -7.22 22.36
C ALA A 330 27.09 -8.53 22.97
N GLY A 331 26.23 -9.24 23.69
CA GLY A 331 26.57 -10.57 24.19
C GLY A 331 26.56 -11.68 23.15
N ASP A 332 26.15 -11.36 21.92
CA ASP A 332 26.08 -12.35 20.84
C ASP A 332 27.35 -13.21 20.76
N PRO A 333 27.19 -14.53 20.65
CA PRO A 333 28.32 -15.45 20.44
C PRO A 333 29.20 -15.11 19.23
N ARG A 334 28.60 -14.77 18.10
CA ARG A 334 29.33 -14.38 16.90
C ARG A 334 30.39 -13.29 17.13
N LEU A 335 30.17 -12.45 18.14
CA LEU A 335 31.19 -11.49 18.63
C LEU A 335 32.09 -12.13 19.68
N ALA A 336 32.44 -13.40 19.48
CA ALA A 336 33.18 -14.16 20.49
C ALA A 336 34.61 -13.65 20.58
N LYS A 337 35.07 -13.39 21.79
CA LYS A 337 36.46 -12.99 22.06
C LYS A 337 36.94 -11.78 21.25
N MET A 338 36.01 -10.94 20.83
CA MET A 338 36.35 -9.65 20.22
C MET A 338 36.39 -8.64 21.34
N GLN A 339 37.44 -7.83 21.38
CA GLN A 339 37.51 -6.70 22.30
C GLN A 339 37.22 -5.42 21.53
N PHE A 340 36.77 -4.39 22.24
CA PHE A 340 36.38 -3.12 21.65
C PHE A 340 36.93 -1.98 22.50
N ARG A 341 37.88 -1.26 21.93
CA ARG A 341 38.55 -0.17 22.63
C ARG A 341 37.55 0.93 22.93
N SER A 342 36.83 1.40 21.91
CA SER A 342 35.87 2.50 22.07
C SER A 342 34.46 1.96 22.00
N ILE A 343 33.61 2.42 22.91
CA ILE A 343 32.21 1.99 23.00
C ILE A 343 31.34 3.21 23.21
N LEU A 344 30.27 3.33 22.44
CA LEU A 344 29.30 4.40 22.61
C LEU A 344 27.93 3.76 22.70
N ILE A 345 27.15 4.17 23.70
CA ILE A 345 25.77 3.69 23.87
C ILE A 345 24.85 4.87 23.73
N ASP A 346 24.02 4.88 22.69
CA ASP A 346 23.00 5.89 22.50
C ASP A 346 21.73 5.52 23.28
N GLU A 347 20.89 6.51 23.60
CA GLU A 347 19.63 6.24 24.28
C GLU A 347 19.91 5.46 25.57
N SER A 348 21.01 5.78 26.23
CA SER A 348 21.54 4.96 27.32
C SER A 348 20.72 5.03 28.62
N THR A 349 20.10 6.18 28.86
CA THR A 349 19.21 6.35 30.02
C THR A 349 17.92 5.52 29.92
N GLN A 350 17.76 4.81 28.80
CA GLN A 350 16.63 3.91 28.59
C GLN A 350 16.97 2.45 28.81
N ALA A 351 18.19 2.20 29.27
CA ALA A 351 18.65 0.87 29.65
C ALA A 351 18.93 0.79 31.15
N THR A 352 18.73 -0.39 31.72
CA THR A 352 19.16 -0.65 33.09
C THR A 352 20.67 -0.80 33.08
N GLU A 353 21.30 -0.60 34.22
CA GLU A 353 22.76 -0.65 34.32
C GLU A 353 23.37 -1.99 33.87
N PRO A 354 22.85 -3.14 34.33
CA PRO A 354 23.34 -4.44 33.87
C PRO A 354 23.18 -4.63 32.36
N GLU A 355 22.13 -4.05 31.77
CA GLU A 355 22.00 -4.01 30.32
C GLU A 355 23.19 -3.30 29.65
N CYS A 356 23.53 -2.10 30.10
CA CYS A 356 24.68 -1.34 29.56
C CYS A 356 26.02 -2.03 29.77
N MET A 357 26.14 -2.81 30.83
CA MET A 357 27.41 -3.44 31.16
C MET A 357 27.70 -4.63 30.24
N VAL A 358 26.71 -5.11 29.51
CA VAL A 358 26.95 -6.17 28.54
C VAL A 358 28.01 -5.77 27.48
N PRO A 359 27.85 -4.66 26.76
CA PRO A 359 28.93 -4.14 25.91
C PRO A 359 30.18 -3.65 26.64
N VAL A 360 30.03 -2.95 27.77
CA VAL A 360 31.16 -2.32 28.47
C VAL A 360 32.28 -3.29 28.81
N VAL A 361 31.94 -4.52 29.23
CA VAL A 361 32.93 -5.51 29.63
C VAL A 361 33.66 -6.18 28.47
N LEU A 362 33.45 -5.69 27.24
CA LEU A 362 34.16 -6.20 26.07
C LEU A 362 35.45 -5.43 25.80
N GLY A 363 36.12 -4.99 26.86
CA GLY A 363 37.45 -4.39 26.78
C GLY A 363 37.49 -2.87 26.73
N ALA A 364 36.46 -2.22 27.27
CA ALA A 364 36.31 -0.77 27.15
C ALA A 364 37.49 0.02 27.71
N LYS A 365 38.16 0.79 26.85
CA LYS A 365 39.16 1.78 27.28
C LYS A 365 38.56 3.18 27.26
N GLN A 366 37.56 3.35 26.40
CA GLN A 366 36.86 4.63 26.24
C GLN A 366 35.37 4.36 26.07
N LEU A 367 34.56 5.04 26.88
CA LEU A 367 33.12 4.86 26.90
C LEU A 367 32.40 6.21 26.84
N ILE A 368 31.38 6.30 26.01
CA ILE A 368 30.54 7.50 25.91
C ILE A 368 29.07 7.11 26.04
N LEU A 369 28.41 7.62 27.06
CA LEU A 369 26.98 7.39 27.26
C LEU A 369 26.22 8.64 26.83
N VAL A 370 25.20 8.44 26.01
CA VAL A 370 24.40 9.51 25.43
C VAL A 370 22.96 9.18 25.77
N GLY A 371 22.21 10.15 26.26
CA GLY A 371 20.86 9.92 26.73
C GLY A 371 20.24 11.19 27.28
N ASP A 372 19.27 11.05 28.19
CA ASP A 372 18.66 12.20 28.86
C ASP A 372 17.88 11.72 30.08
N HIS A 373 18.43 12.01 31.25
CA HIS A 373 17.84 11.62 32.54
C HIS A 373 16.65 12.49 32.94
N CYS A 374 16.35 13.54 32.15
CA CYS A 374 15.09 14.30 32.27
C CYS A 374 13.94 13.74 31.39
N GLN A 375 14.18 12.63 30.72
CA GLN A 375 13.13 11.90 30.01
C GLN A 375 12.98 10.52 30.68
N LEU A 376 12.16 9.63 30.13
CA LEU A 376 11.81 8.35 30.77
C LEU A 376 13.03 7.45 31.04
N GLY A 377 12.92 6.67 32.12
CA GLY A 377 13.96 5.73 32.49
C GLY A 377 13.68 4.33 31.96
N PRO A 378 14.52 3.38 32.37
CA PRO A 378 14.39 1.96 31.99
C PRO A 378 13.06 1.33 32.40
N VAL A 379 12.50 0.52 31.50
CA VAL A 379 11.33 -0.29 31.80
C VAL A 379 11.73 -1.42 32.74
N VAL A 380 11.01 -1.54 33.85
CA VAL A 380 11.27 -2.58 34.82
C VAL A 380 9.96 -3.14 35.36
N MET A 381 9.68 -4.39 35.00
CA MET A 381 8.44 -5.07 35.37
C MET A 381 8.34 -5.31 36.86
N CYS A 382 9.35 -5.97 37.43
CA CYS A 382 9.34 -6.30 38.85
C CYS A 382 9.54 -5.03 39.67
N LYS A 383 8.50 -4.64 40.39
CA LYS A 383 8.50 -3.40 41.15
C LYS A 383 9.55 -3.44 42.27
N LYS A 384 9.71 -4.60 42.91
CA LYS A 384 10.62 -4.71 44.05
C LYS A 384 12.06 -4.48 43.60
N ALA A 385 12.40 -4.99 42.42
CA ALA A 385 13.73 -4.82 41.86
C ALA A 385 13.96 -3.37 41.46
N ALA A 386 12.92 -2.73 40.91
CA ALA A 386 12.98 -1.33 40.50
C ALA A 386 13.34 -0.42 41.68
N LYS A 387 12.57 -0.50 42.76
CA LYS A 387 12.80 0.32 43.94
C LYS A 387 14.13 0.04 44.63
N ALA A 388 14.62 -1.19 44.50
CA ALA A 388 15.92 -1.58 45.09
C ALA A 388 17.12 -1.08 44.27
N GLY A 389 16.88 -0.58 43.06
CA GLY A 389 17.95 0.01 42.26
C GLY A 389 17.94 -0.27 40.76
N LEU A 390 17.13 -1.21 40.30
CA LEU A 390 17.18 -1.63 38.89
C LEU A 390 16.71 -0.55 37.90
N SER A 391 15.82 0.32 38.36
CA SER A 391 15.26 1.36 37.52
C SER A 391 16.19 2.57 37.32
N GLN A 392 17.33 2.61 38.02
CA GLN A 392 18.32 3.65 37.77
C GLN A 392 19.34 3.24 36.68
N SER A 393 19.31 3.95 35.56
CA SER A 393 20.29 3.73 34.49
C SER A 393 21.71 4.07 34.95
N LEU A 394 22.68 3.43 34.30
CA LEU A 394 24.09 3.70 34.50
C LEU A 394 24.38 5.19 34.40
N PHE A 395 23.91 5.80 33.31
CA PHE A 395 24.00 7.24 33.08
C PHE A 395 23.61 8.04 34.34
N GLU A 396 22.42 7.75 34.88
CA GLU A 396 21.88 8.48 36.04
C GLU A 396 22.76 8.34 37.29
N ARG A 397 23.21 7.11 37.57
CA ARG A 397 24.07 6.84 38.73
C ARG A 397 25.40 7.59 38.63
N LEU A 398 25.96 7.65 37.43
CA LEU A 398 27.18 8.42 37.21
C LEU A 398 26.96 9.91 37.42
N VAL A 399 25.78 10.42 37.07
CA VAL A 399 25.41 11.81 37.31
C VAL A 399 25.31 12.08 38.82
N VAL A 400 24.79 11.12 39.56
CA VAL A 400 24.64 11.23 41.01
C VAL A 400 26.02 11.23 41.68
N LEU A 401 26.97 10.53 41.06
CA LEU A 401 28.33 10.46 41.56
C LEU A 401 29.17 11.71 41.21
N GLY A 402 28.58 12.67 40.49
CA GLY A 402 29.24 13.93 40.20
C GLY A 402 29.76 14.14 38.77
N ILE A 403 29.67 13.12 37.92
CA ILE A 403 30.02 13.26 36.50
C ILE A 403 29.00 14.16 35.79
N ARG A 404 29.38 15.39 35.50
CA ARG A 404 28.50 16.34 34.83
C ARG A 404 28.43 16.06 33.31
N PRO A 405 27.22 15.86 32.76
CA PRO A 405 27.07 15.69 31.32
C PRO A 405 27.29 16.97 30.55
N ILE A 406 27.86 16.86 29.35
CA ILE A 406 27.90 17.97 28.41
C ILE A 406 26.52 17.99 27.75
N ARG A 407 25.88 19.16 27.73
CA ARG A 407 24.52 19.27 27.18
C ARG A 407 24.43 19.85 25.77
N LEU A 408 23.69 19.16 24.91
CA LEU A 408 23.38 19.65 23.57
C LEU A 408 22.13 20.53 23.68
N GLN A 409 22.28 21.82 23.45
CA GLN A 409 21.24 22.79 23.78
C GLN A 409 20.42 23.31 22.60
N VAL A 410 20.77 22.92 21.37
CA VAL A 410 20.01 23.36 20.20
C VAL A 410 19.03 22.27 19.76
N GLN A 411 17.74 22.59 19.83
CA GLN A 411 16.67 21.66 19.46
C GLN A 411 16.09 21.97 18.06
N TYR A 412 16.07 20.94 17.22
CA TYR A 412 15.65 21.11 15.83
C TYR A 412 14.26 20.51 15.57
N ARG A 413 13.45 20.30 16.60
CA ARG A 413 12.18 19.59 16.43
C ARG A 413 10.95 20.48 16.38
N MET A 414 10.77 21.33 17.39
CA MET A 414 9.48 22.00 17.57
C MET A 414 9.50 23.51 17.32
N HIS A 415 8.32 24.03 16.96
CA HIS A 415 8.02 25.45 16.94
C HIS A 415 8.55 26.05 18.24
N PRO A 416 9.31 27.15 18.16
CA PRO A 416 9.89 27.78 19.37
C PRO A 416 8.95 27.96 20.56
N ALA A 417 7.65 28.06 20.29
CA ALA A 417 6.64 28.25 21.33
C ALA A 417 6.47 26.99 22.18
N LEU A 418 6.42 25.84 21.51
CA LEU A 418 6.29 24.54 22.18
C LEU A 418 7.49 24.21 23.06
N SER A 419 8.67 24.65 22.64
CA SER A 419 9.90 24.44 23.41
C SER A 419 10.00 25.28 24.68
N ALA A 420 9.27 26.39 24.75
CA ALA A 420 9.39 27.35 25.85
C ALA A 420 9.21 26.74 27.24
N PHE A 421 8.07 26.09 27.47
CA PHE A 421 7.74 25.56 28.80
C PHE A 421 8.62 24.38 29.20
N PRO A 422 8.78 23.36 28.34
CA PRO A 422 9.66 22.24 28.66
C PRO A 422 11.12 22.66 28.94
N SER A 423 11.60 23.64 28.19
CA SER A 423 12.96 24.15 28.35
C SER A 423 13.14 24.82 29.69
N ASN A 424 12.13 25.59 30.09
CA ASN A 424 12.18 26.39 31.33
C ASN A 424 12.07 25.55 32.60
N ILE A 425 11.10 24.64 32.65
CA ILE A 425 10.86 23.83 33.85
C ILE A 425 11.81 22.63 33.99
N PHE A 426 12.24 22.04 32.87
CA PHE A 426 13.03 20.81 32.89
C PHE A 426 14.50 20.98 32.51
N TYR A 427 14.86 22.11 31.92
CA TYR A 427 16.23 22.29 31.40
C TYR A 427 16.86 23.64 31.80
N GLU A 428 16.47 24.16 32.97
CA GLU A 428 16.99 25.44 33.48
C GLU A 428 16.96 26.55 32.43
N GLY A 429 15.96 26.49 31.56
CA GLY A 429 15.83 27.40 30.44
C GLY A 429 17.07 27.58 29.57
N SER A 430 17.76 26.49 29.27
CA SER A 430 19.04 26.58 28.55
C SER A 430 18.91 26.33 27.05
N LEU A 431 17.75 25.80 26.64
CA LEU A 431 17.55 25.40 25.25
C LEU A 431 17.46 26.58 24.29
N GLN A 432 17.84 26.31 23.05
CA GLN A 432 17.79 27.25 21.94
C GLN A 432 17.11 26.55 20.77
N ASN A 433 16.54 27.32 19.86
CA ASN A 433 15.86 26.74 18.72
C ASN A 433 16.68 26.84 17.45
N GLY A 434 16.94 25.69 16.84
CA GLY A 434 17.57 25.59 15.53
C GLY A 434 16.53 25.63 14.42
N VAL A 435 15.26 25.76 14.80
CA VAL A 435 14.21 26.11 13.86
C VAL A 435 13.43 27.32 14.39
N THR A 436 12.92 28.12 13.47
CA THR A 436 12.10 29.29 13.79
C THR A 436 10.61 29.00 13.64
N ALA A 437 9.78 30.00 13.94
CA ALA A 437 8.33 29.91 13.76
C ALA A 437 7.95 29.57 12.32
N ALA A 438 8.55 30.27 11.36
CA ALA A 438 8.25 30.07 9.95
C ALA A 438 8.86 28.78 9.38
N ASP A 439 9.81 28.21 10.10
CA ASP A 439 10.33 26.88 9.78
C ASP A 439 9.33 25.78 10.14
N ARG A 440 8.51 26.03 11.15
CA ARG A 440 7.49 25.07 11.63
C ARG A 440 6.06 25.64 11.58
N VAL A 441 5.65 26.07 10.39
CA VAL A 441 4.26 26.44 10.14
C VAL A 441 3.86 25.81 8.82
N LYS A 442 2.76 25.06 8.84
CA LYS A 442 2.32 24.34 7.65
C LYS A 442 1.71 25.28 6.64
N LYS A 443 1.74 24.85 5.38
CA LYS A 443 1.43 25.71 4.24
C LYS A 443 0.07 25.32 3.66
N GLY A 444 -0.78 26.31 3.45
CA GLY A 444 -2.15 26.08 3.03
C GLY A 444 -2.98 25.41 4.11
N PHE A 445 -2.59 25.62 5.36
CA PHE A 445 -3.21 24.95 6.50
C PHE A 445 -4.23 25.87 7.13
N ASP A 446 -5.51 25.57 6.90
CA ASP A 446 -6.59 26.42 7.36
C ASP A 446 -7.26 25.83 8.61
N PHE A 447 -6.43 25.73 9.65
CA PHE A 447 -6.85 25.40 10.99
C PHE A 447 -6.42 26.59 11.82
N GLN A 448 -7.39 27.41 12.25
CA GLN A 448 -7.08 28.66 12.94
C GLN A 448 -6.94 28.43 14.44
N TRP A 449 -5.76 28.74 14.95
CA TRP A 449 -5.43 28.62 16.37
C TRP A 449 -5.95 29.84 17.12
N PRO A 450 -6.21 29.70 18.41
CA PRO A 450 -6.63 30.84 19.25
C PRO A 450 -5.67 32.03 19.12
N GLN A 451 -4.38 31.76 19.24
CA GLN A 451 -3.32 32.74 19.02
C GLN A 451 -2.49 32.28 17.82
N PRO A 452 -2.56 33.01 16.70
CA PRO A 452 -1.84 32.64 15.47
C PRO A 452 -0.39 32.14 15.63
N ASP A 453 0.46 32.87 16.33
CA ASP A 453 1.89 32.49 16.44
C ASP A 453 2.21 31.62 17.66
N LYS A 454 1.25 30.81 18.09
CA LYS A 454 1.44 29.91 19.22
C LYS A 454 0.61 28.66 18.95
N PRO A 455 1.17 27.72 18.17
CA PRO A 455 0.44 26.50 17.79
C PRO A 455 0.23 25.55 18.95
N MET A 456 -0.65 25.93 19.86
CA MET A 456 -0.86 25.18 21.08
C MET A 456 -2.06 25.74 21.84
N PHE A 457 -2.79 24.87 22.54
CA PHE A 457 -3.77 25.32 23.51
C PHE A 457 -4.31 24.21 24.39
N PHE A 458 -4.59 24.56 25.64
CA PHE A 458 -5.30 23.70 26.55
C PHE A 458 -6.80 23.92 26.35
N TYR A 459 -7.43 22.99 25.65
CA TYR A 459 -8.88 22.94 25.53
C TYR A 459 -9.51 22.51 26.86
N VAL A 460 -10.29 23.40 27.46
CA VAL A 460 -10.93 23.14 28.74
C VAL A 460 -12.11 22.19 28.54
N THR A 461 -11.88 20.92 28.82
CA THR A 461 -12.93 19.91 28.75
C THR A 461 -13.42 19.61 30.15
N GLN A 462 -14.70 19.87 30.37
CA GLN A 462 -15.34 19.65 31.65
C GLN A 462 -16.04 18.28 31.61
N GLY A 463 -15.24 17.23 31.72
CA GLY A 463 -15.69 15.86 31.48
C GLY A 463 -15.50 14.94 32.66
N GLN A 464 -16.40 13.96 32.78
CA GLN A 464 -16.38 12.98 33.86
C GLN A 464 -15.55 11.75 33.52
N GLU A 465 -14.95 11.16 34.57
CA GLU A 465 -14.12 9.96 34.45
C GLU A 465 -14.69 8.79 35.26
N GLU A 466 -14.89 7.65 34.61
CA GLU A 466 -15.35 6.42 35.26
C GLU A 466 -14.25 5.37 35.27
N ILE A 467 -14.61 4.10 35.50
CA ILE A 467 -13.64 2.99 35.52
C ILE A 467 -14.21 1.81 34.74
N ALA A 468 -14.39 2.01 33.43
CA ALA A 468 -14.96 1.02 32.51
C ALA A 468 -14.78 -0.44 32.93
N SER A 469 -15.91 -1.15 33.08
CA SER A 469 -15.93 -2.55 33.51
C SER A 469 -14.87 -3.39 32.78
N SER A 470 -13.73 -3.55 33.44
CA SER A 470 -12.57 -4.21 32.87
C SER A 470 -11.56 -4.57 33.97
N GLY A 471 -11.28 -3.60 34.83
CA GLY A 471 -10.40 -3.80 35.96
C GLY A 471 -10.07 -2.48 36.64
N THR A 472 -8.78 -2.16 36.72
CA THR A 472 -8.32 -0.92 37.34
C THR A 472 -7.70 0.03 36.29
N SER A 473 -8.58 0.64 35.50
CA SER A 473 -8.17 1.64 34.51
C SER A 473 -9.27 2.67 34.26
N TYR A 474 -8.86 3.91 34.06
CA TYR A 474 -9.79 5.03 33.93
C TYR A 474 -10.00 5.47 32.48
N LEU A 475 -11.07 6.21 32.25
CA LEU A 475 -11.37 6.79 30.94
C LEU A 475 -12.32 7.98 31.09
N ASN A 476 -11.98 9.09 30.44
CA ASN A 476 -12.86 10.26 30.39
C ASN A 476 -13.71 10.21 29.11
N ARG A 477 -14.97 9.80 29.28
CA ARG A 477 -15.92 9.61 28.19
C ARG A 477 -16.13 10.86 27.33
N THR A 478 -16.23 12.02 27.98
CA THR A 478 -16.53 13.29 27.31
C THR A 478 -15.27 13.89 26.70
N GLU A 479 -14.13 13.64 27.35
CA GLU A 479 -12.84 14.09 26.85
C GLU A 479 -12.51 13.37 25.56
N ALA A 480 -12.86 12.10 25.50
CA ALA A 480 -12.64 11.28 24.31
C ALA A 480 -13.41 11.87 23.13
N ALA A 481 -14.65 12.31 23.38
CA ALA A 481 -15.46 12.95 22.35
C ALA A 481 -14.79 14.21 21.80
N ASN A 482 -14.26 15.03 22.70
CA ASN A 482 -13.60 16.29 22.30
C ASN A 482 -12.29 16.08 21.55
N VAL A 483 -11.56 15.03 21.89
CA VAL A 483 -10.32 14.68 21.19
C VAL A 483 -10.67 14.25 19.77
N GLU A 484 -11.79 13.54 19.61
CA GLU A 484 -12.28 13.11 18.30
C GLU A 484 -12.59 14.32 17.45
N LYS A 485 -13.17 15.34 18.05
CA LYS A 485 -13.52 16.56 17.34
C LYS A 485 -12.27 17.28 16.88
N ILE A 486 -11.25 17.33 17.75
CA ILE A 486 -9.95 17.92 17.42
C ILE A 486 -9.31 17.21 16.25
N THR A 487 -9.32 15.88 16.31
CA THR A 487 -8.73 15.03 15.28
C THR A 487 -9.46 15.18 13.95
N THR A 488 -10.78 15.39 14.01
CA THR A 488 -11.59 15.56 12.82
C THR A 488 -11.31 16.91 12.16
N LYS A 489 -10.98 17.91 12.97
CA LYS A 489 -10.67 19.25 12.48
C LYS A 489 -9.30 19.34 11.81
N LEU A 490 -8.32 18.66 12.40
CA LEU A 490 -6.96 18.62 11.85
C LEU A 490 -6.92 17.87 10.51
N LEU A 491 -7.74 16.84 10.38
CA LEU A 491 -7.76 15.99 9.19
C LEU A 491 -8.47 16.66 8.01
N LYS A 492 -9.60 17.32 8.28
CA LYS A 492 -10.34 18.01 7.23
C LYS A 492 -9.79 19.42 6.98
N ALA A 493 -8.74 19.79 7.72
CA ALA A 493 -7.99 21.01 7.44
C ALA A 493 -6.73 20.73 6.63
N GLY A 494 -6.36 19.46 6.52
CA GLY A 494 -5.20 19.08 5.75
C GLY A 494 -4.34 17.96 6.33
N ALA A 495 -3.84 18.19 7.55
CA ALA A 495 -2.88 17.30 8.22
C ALA A 495 -3.12 15.81 7.95
N LYS A 496 -2.05 15.08 7.63
CA LYS A 496 -2.16 13.65 7.35
C LYS A 496 -2.44 12.91 8.66
N PRO A 497 -3.21 11.82 8.59
CA PRO A 497 -3.55 11.03 9.78
C PRO A 497 -2.36 10.54 10.59
N ASP A 498 -1.35 10.02 9.89
CA ASP A 498 -0.17 9.44 10.53
C ASP A 498 0.81 10.46 11.12
N GLN A 499 0.52 11.75 10.95
CA GLN A 499 1.24 12.83 11.62
C GLN A 499 0.41 13.44 12.75
N ILE A 500 -0.48 12.64 13.33
CA ILE A 500 -1.27 13.05 14.48
C ILE A 500 -1.12 11.95 15.55
N GLY A 501 -0.61 12.34 16.71
CA GLY A 501 -0.44 11.43 17.82
C GLY A 501 -1.34 11.83 18.97
N ILE A 502 -2.14 10.88 19.45
CA ILE A 502 -2.93 11.07 20.64
C ILE A 502 -2.23 10.34 21.79
N ILE A 503 -1.84 11.08 22.83
CA ILE A 503 -1.20 10.53 24.01
C ILE A 503 -2.13 10.58 25.23
N THR A 504 -2.27 9.46 25.91
CA THR A 504 -3.07 9.38 27.15
C THR A 504 -2.48 8.40 28.17
N PRO A 505 -2.60 8.68 29.47
CA PRO A 505 -1.98 7.85 30.51
C PRO A 505 -2.70 6.55 30.84
N TYR A 506 -3.94 6.39 30.37
CA TYR A 506 -4.73 5.20 30.70
C TYR A 506 -5.06 4.36 29.48
N GLU A 507 -5.00 3.05 29.67
CA GLU A 507 -5.41 2.06 28.67
C GLU A 507 -6.92 2.08 28.48
N GLY A 508 -7.66 2.55 29.48
CA GLY A 508 -9.10 2.67 29.38
C GLY A 508 -9.51 3.74 28.39
N GLN A 509 -8.80 4.86 28.40
CA GLN A 509 -9.04 5.93 27.44
C GLN A 509 -8.63 5.50 26.04
N ARG A 510 -7.56 4.72 25.96
CA ARG A 510 -7.04 4.19 24.70
C ARG A 510 -8.06 3.35 23.97
N SER A 511 -8.59 2.36 24.67
CA SER A 511 -9.52 1.39 24.11
C SER A 511 -10.81 2.10 23.74
N TYR A 512 -11.24 3.00 24.61
CA TYR A 512 -12.45 3.76 24.37
C TYR A 512 -12.30 4.71 23.19
N LEU A 513 -11.08 5.22 22.96
CA LEU A 513 -10.82 6.16 21.88
C LEU A 513 -10.83 5.46 20.51
N VAL A 514 -10.10 4.36 20.41
CA VAL A 514 -10.02 3.58 19.16
C VAL A 514 -11.42 3.17 18.68
N GLN A 515 -12.25 2.75 19.63
CA GLN A 515 -13.59 2.24 19.33
C GLN A 515 -14.62 3.36 19.16
N TYR A 516 -14.39 4.51 19.79
CA TYR A 516 -15.28 5.67 19.66
C TYR A 516 -15.08 6.38 18.31
N MET A 517 -13.86 6.29 17.77
CA MET A 517 -13.55 6.78 16.44
C MET A 517 -13.83 5.67 15.43
N GLN A 518 -15.07 5.17 15.43
CA GLN A 518 -15.47 4.01 14.63
C GLN A 518 -16.98 3.79 14.73
N PHE A 519 -17.48 3.64 15.96
CA PHE A 519 -18.91 3.52 16.22
C PHE A 519 -19.68 4.77 15.79
N SER A 520 -19.06 5.94 15.99
CA SER A 520 -19.72 7.21 15.71
C SER A 520 -18.73 8.35 15.50
N GLY A 521 -17.93 8.23 14.45
CA GLY A 521 -17.03 9.30 14.02
C GLY A 521 -17.58 10.01 12.79
N SER A 522 -17.17 11.25 12.58
CA SER A 522 -17.66 12.06 11.46
C SER A 522 -17.21 11.51 10.10
N LEU A 523 -16.06 10.82 10.09
CA LEU A 523 -15.49 10.24 8.87
C LEU A 523 -15.31 8.73 9.01
N HIS A 524 -14.98 8.08 7.89
CA HIS A 524 -14.75 6.63 7.87
C HIS A 524 -13.53 6.24 8.70
N THR A 525 -13.53 4.99 9.15
CA THR A 525 -12.55 4.52 10.12
C THR A 525 -11.15 4.32 9.55
N LYS A 526 -10.93 4.66 8.28
CA LYS A 526 -9.62 4.53 7.67
C LYS A 526 -8.68 5.70 8.01
N LEU A 527 -9.23 6.90 8.14
CA LEU A 527 -8.44 8.05 8.58
C LEU A 527 -8.00 7.87 10.02
N TYR A 528 -8.92 7.44 10.88
CA TYR A 528 -8.65 7.29 12.31
C TYR A 528 -7.77 6.08 12.62
N GLN A 529 -7.86 5.04 11.79
CA GLN A 529 -7.03 3.84 11.93
C GLN A 529 -5.53 4.17 11.95
N GLU A 530 -5.14 5.19 11.17
CA GLU A 530 -3.76 5.63 11.07
C GLU A 530 -3.33 6.59 12.20
N VAL A 531 -4.29 7.22 12.88
CA VAL A 531 -4.00 8.06 14.04
C VAL A 531 -3.55 7.17 15.22
N GLU A 532 -2.31 7.40 15.64
CA GLU A 532 -1.68 6.55 16.64
C GLU A 532 -2.06 6.99 18.04
N ILE A 533 -2.62 6.06 18.80
CA ILE A 533 -3.09 6.32 20.16
C ILE A 533 -2.32 5.44 21.13
N ALA A 534 -1.72 6.06 22.14
CA ALA A 534 -0.87 5.33 23.09
C ALA A 534 -0.50 6.19 24.29
N SER A 535 0.08 5.56 25.30
CA SER A 535 0.68 6.29 26.42
C SER A 535 2.00 6.91 26.01
N VAL A 536 2.57 7.73 26.88
CA VAL A 536 3.88 8.36 26.63
C VAL A 536 5.00 7.36 26.46
N ASP A 537 4.89 6.20 27.10
CA ASP A 537 5.92 5.15 27.03
C ASP A 537 6.17 4.78 25.58
N ALA A 538 5.08 4.54 24.85
CA ALA A 538 5.17 4.13 23.45
C ALA A 538 5.74 5.22 22.54
N PHE A 539 5.65 6.49 22.98
CA PHE A 539 6.09 7.63 22.19
C PHE A 539 7.51 8.14 22.45
N GLN A 540 8.23 7.55 23.40
CA GLN A 540 9.62 7.97 23.65
C GLN A 540 10.48 7.77 22.41
N GLY A 541 11.33 8.77 22.14
CA GLY A 541 12.24 8.72 21.01
C GLY A 541 11.54 8.89 19.67
N ARG A 542 10.34 9.47 19.73
CA ARG A 542 9.48 9.59 18.56
C ARG A 542 8.80 10.95 18.49
N GLU A 543 8.28 11.26 17.30
CA GLU A 543 7.66 12.55 17.05
C GLU A 543 6.48 12.43 16.07
N LYS A 544 5.60 13.41 16.12
CA LYS A 544 4.54 13.59 15.14
C LYS A 544 4.44 15.08 14.86
N ASP A 545 3.78 15.47 13.77
CA ASP A 545 3.54 16.88 13.49
C ASP A 545 2.63 17.50 14.54
N PHE A 546 1.63 16.75 14.98
CA PHE A 546 0.64 17.25 15.92
C PHE A 546 0.39 16.25 17.03
N ILE A 547 0.23 16.76 18.24
CA ILE A 547 0.04 15.93 19.42
C ILE A 547 -1.17 16.41 20.18
N ILE A 548 -2.10 15.50 20.43
CA ILE A 548 -3.22 15.75 21.31
C ILE A 548 -2.97 14.98 22.59
N LEU A 549 -3.10 15.67 23.71
CA LEU A 549 -2.95 15.09 25.03
C LEU A 549 -4.32 14.91 25.64
N SER A 550 -4.62 13.71 26.10
CA SER A 550 -5.85 13.45 26.82
C SER A 550 -5.50 13.06 28.25
N CYS A 551 -5.62 14.02 29.16
CA CYS A 551 -5.34 13.82 30.57
C CYS A 551 -6.67 13.55 31.24
N VAL A 552 -7.06 12.29 31.30
CA VAL A 552 -8.42 11.93 31.71
C VAL A 552 -8.78 12.40 33.14
N ARG A 553 -7.70 12.73 33.93
CA ARG A 553 -7.71 13.53 35.17
C ARG A 553 -6.31 13.49 35.76
N ILE A 560 -1.15 7.82 37.81
CA ILE A 560 -0.16 7.24 36.91
C ILE A 560 -0.04 8.04 35.62
N GLY A 561 1.02 7.75 34.86
CA GLY A 561 1.23 8.36 33.56
C GLY A 561 1.81 9.77 33.60
N PHE A 562 1.48 10.59 32.59
CA PHE A 562 2.11 11.92 32.44
C PHE A 562 1.58 13.01 33.38
N LEU A 563 0.89 12.61 34.44
CA LEU A 563 0.44 13.53 35.48
C LEU A 563 0.94 13.12 36.88
N ASN A 564 1.98 12.30 36.94
CA ASN A 564 2.60 11.89 38.20
C ASN A 564 4.11 12.11 38.18
N ASP A 565 4.77 11.50 37.19
CA ASP A 565 6.20 11.65 36.96
C ASP A 565 6.48 12.96 36.20
N PRO A 566 7.29 13.85 36.76
CA PRO A 566 7.75 15.05 36.03
C PRO A 566 8.36 14.75 34.66
N ARG A 567 9.11 13.65 34.56
CA ARG A 567 9.74 13.24 33.32
C ARG A 567 8.74 12.81 32.23
N ARG A 568 7.65 12.16 32.62
CA ARG A 568 6.58 11.82 31.68
C ARG A 568 5.92 13.05 31.07
N LEU A 569 5.74 14.11 31.85
CA LEU A 569 5.19 15.36 31.32
C LEU A 569 6.15 15.99 30.29
N ASN A 570 7.44 16.00 30.59
CA ASN A 570 8.46 16.53 29.68
C ASN A 570 8.40 15.86 28.30
N VAL A 571 8.37 14.54 28.31
CA VAL A 571 8.31 13.73 27.08
C VAL A 571 7.03 13.98 26.30
N ALA A 572 5.89 13.98 26.99
CA ALA A 572 4.58 14.26 26.37
C ALA A 572 4.50 15.65 25.70
N LEU A 573 5.22 16.62 26.25
CA LEU A 573 5.18 18.00 25.76
C LEU A 573 6.25 18.29 24.71
N THR A 574 7.02 17.27 24.35
CA THR A 574 8.11 17.45 23.40
C THR A 574 8.06 16.46 22.23
N ARG A 575 6.90 15.83 21.99
CA ARG A 575 6.72 14.96 20.83
C ARG A 575 6.35 15.70 19.53
N ALA A 576 5.77 16.90 19.67
CA ALA A 576 5.16 17.62 18.55
C ALA A 576 6.17 18.49 17.78
N ARG A 577 5.95 18.59 16.48
CA ARG A 577 6.74 19.43 15.60
C ARG A 577 6.00 20.74 15.34
N TYR A 578 4.73 20.63 14.95
CA TYR A 578 3.94 21.79 14.51
C TYR A 578 2.88 22.27 15.51
N GLY A 579 2.36 21.38 16.35
CA GLY A 579 1.36 21.80 17.32
C GLY A 579 0.98 20.80 18.39
N VAL A 580 0.81 21.30 19.61
CA VAL A 580 0.30 20.50 20.73
C VAL A 580 -1.06 21.06 21.15
N ILE A 581 -1.93 20.16 21.56
CA ILE A 581 -3.25 20.54 22.03
C ILE A 581 -3.59 19.62 23.18
N ILE A 582 -3.73 20.20 24.37
CA ILE A 582 -3.97 19.44 25.58
C ILE A 582 -5.45 19.51 25.90
N VAL A 583 -6.01 18.38 26.30
CA VAL A 583 -7.44 18.26 26.56
C VAL A 583 -7.60 17.65 27.93
N GLY A 584 -8.02 18.46 28.88
CA GLY A 584 -8.20 18.01 30.25
C GLY A 584 -9.11 18.89 31.07
N ASN A 585 -9.32 18.50 32.32
CA ASN A 585 -10.14 19.28 33.27
C ASN A 585 -9.24 20.13 34.16
N PRO A 586 -9.20 21.45 33.94
CA PRO A 586 -8.25 22.32 34.65
C PRO A 586 -8.39 22.29 36.17
N LYS A 587 -9.63 22.18 36.64
CA LYS A 587 -9.93 22.19 38.07
C LYS A 587 -9.27 21.02 38.78
N ALA A 588 -9.43 19.82 38.22
CA ALA A 588 -8.91 18.60 38.82
C ALA A 588 -7.39 18.48 38.70
N LEU A 589 -6.85 18.83 37.53
CA LEU A 589 -5.41 18.70 37.24
C LEU A 589 -4.57 19.66 38.08
N SER A 590 -5.17 20.75 38.53
CA SER A 590 -4.51 21.75 39.38
C SER A 590 -3.91 21.14 40.67
N LYS A 591 -4.44 20.00 41.10
CA LYS A 591 -3.94 19.30 42.29
C LYS A 591 -2.45 18.98 42.18
N GLN A 592 -2.03 18.38 41.06
CA GLN A 592 -0.60 18.17 40.80
C GLN A 592 0.04 19.55 40.64
N PRO A 593 1.11 19.84 41.39
CA PRO A 593 1.78 21.14 41.28
C PRO A 593 2.24 21.50 39.87
N LEU A 594 2.90 20.56 39.20
CA LEU A 594 3.45 20.76 37.86
C LEU A 594 2.38 21.24 36.85
N TRP A 595 1.18 20.68 36.97
CA TRP A 595 0.09 21.00 36.07
C TRP A 595 -0.52 22.38 36.33
N ASN A 596 -0.59 22.79 37.59
CA ASN A 596 -1.07 24.12 37.94
C ASN A 596 -0.19 25.19 37.33
N HIS A 597 1.11 24.95 37.34
CA HIS A 597 2.07 25.84 36.71
C HIS A 597 1.87 25.85 35.20
N LEU A 598 1.74 24.67 34.60
CA LEU A 598 1.48 24.55 33.17
C LEU A 598 0.23 25.33 32.76
N LEU A 599 -0.80 25.26 33.59
CA LEU A 599 -2.08 25.87 33.27
C LEU A 599 -1.98 27.39 33.35
N ASN A 600 -1.35 27.89 34.40
CA ASN A 600 -1.14 29.33 34.55
C ASN A 600 -0.28 29.93 33.43
N TYR A 601 0.65 29.15 32.89
CA TYR A 601 1.50 29.62 31.79
C TYR A 601 0.73 29.68 30.48
N TYR A 602 -0.11 28.68 30.23
CA TYR A 602 -0.96 28.67 29.05
C TYR A 602 -1.94 29.85 29.08
N LYS A 603 -2.31 30.29 30.28
CA LYS A 603 -3.22 31.41 30.46
C LYS A 603 -2.58 32.76 30.10
N GLU A 604 -1.31 32.94 30.48
CA GLU A 604 -0.57 34.17 30.17
C GLU A 604 -0.43 34.35 28.65
N GLN A 605 -0.12 33.27 27.95
CA GLN A 605 0.03 33.27 26.50
C GLN A 605 -1.32 33.29 25.77
N LYS A 606 -2.40 33.14 26.54
CA LYS A 606 -3.78 33.29 26.08
C LYS A 606 -4.24 32.10 25.21
N VAL A 607 -3.95 30.90 25.70
CA VAL A 607 -4.29 29.67 24.99
C VAL A 607 -4.94 28.63 25.91
N LEU A 608 -5.50 29.06 27.05
CA LEU A 608 -6.34 28.19 27.87
C LEU A 608 -7.80 28.42 27.48
N VAL A 609 -8.14 27.99 26.27
CA VAL A 609 -9.42 28.32 25.64
C VAL A 609 -10.55 27.40 26.03
N GLU A 610 -11.77 27.80 25.69
CA GLU A 610 -13.00 27.08 26.02
C GLU A 610 -14.11 27.35 25.01
N GLY A 611 -15.06 26.41 24.92
CA GLY A 611 -16.24 26.55 24.07
C GLY A 611 -16.18 25.68 22.83
N PRO A 612 -17.15 25.84 21.92
CA PRO A 612 -17.13 25.12 20.64
C PRO A 612 -15.85 25.37 19.85
N LEU A 613 -15.37 24.32 19.22
CA LEU A 613 -14.09 24.33 18.49
C LEU A 613 -14.03 25.41 17.41
N ASN A 614 -15.13 25.58 16.70
CA ASN A 614 -15.19 26.46 15.53
C ASN A 614 -15.31 27.95 15.89
N ASN A 615 -15.72 28.24 17.12
CA ASN A 615 -15.76 29.59 17.65
C ASN A 615 -15.10 29.62 19.02
N LEU A 616 -13.79 29.37 19.02
CA LEU A 616 -13.01 29.26 20.25
C LEU A 616 -12.82 30.63 20.93
N ARG A 617 -12.81 30.63 22.25
CA ARG A 617 -12.75 31.87 23.02
C ARG A 617 -11.62 31.85 24.06
N GLU A 618 -11.91 32.03 25.35
CA GLU A 618 -10.89 32.08 26.39
C GLU A 618 -11.49 31.93 27.78
N SER A 619 -11.13 30.83 28.46
CA SER A 619 -11.65 30.53 29.80
C SER A 619 -11.21 31.53 30.88
N LEU A 620 -11.97 31.54 31.97
CA LEU A 620 -11.63 32.30 33.17
C LEU A 620 -12.01 31.49 34.42
N MET A 621 -11.37 30.34 34.59
CA MET A 621 -11.62 29.47 35.74
C MET A 621 -10.84 29.96 36.96
N GLY B 3 -18.85 27.38 -28.38
CA GLY B 3 -18.34 26.08 -27.83
C GLY B 3 -18.69 24.89 -28.71
N SER B 4 -18.71 23.69 -28.12
CA SER B 4 -19.17 22.47 -28.81
C SER B 4 -20.71 22.40 -28.73
N ARG B 5 -21.32 23.41 -29.33
CA ARG B 5 -22.74 23.68 -29.23
C ARG B 5 -23.37 23.54 -30.61
N TYR B 6 -24.57 22.97 -30.66
CA TYR B 6 -25.32 22.78 -31.89
C TYR B 6 -26.68 23.48 -31.80
N GLU B 7 -27.21 23.88 -32.95
CA GLU B 7 -28.47 24.60 -33.04
C GLU B 7 -29.68 23.68 -33.01
N ASP B 8 -29.53 22.49 -33.58
CA ASP B 8 -30.59 21.49 -33.57
C ASP B 8 -29.99 20.10 -33.78
N ALA B 9 -30.84 19.08 -33.79
CA ALA B 9 -30.36 17.71 -33.96
C ALA B 9 -30.04 17.39 -35.43
N TYR B 10 -30.58 18.18 -36.36
CA TYR B 10 -30.32 17.95 -37.77
C TYR B 10 -28.88 18.33 -38.08
N GLN B 11 -28.43 19.46 -37.54
CA GLN B 11 -27.03 19.86 -37.64
C GLN B 11 -26.15 18.87 -36.89
N TYR B 12 -26.63 18.41 -35.73
CA TYR B 12 -25.91 17.44 -34.92
C TYR B 12 -25.67 16.19 -35.73
N GLN B 13 -26.69 15.74 -36.46
CA GLN B 13 -26.57 14.61 -37.35
C GLN B 13 -25.67 14.92 -38.54
N ASN B 14 -25.80 16.13 -39.10
CA ASN B 14 -25.03 16.53 -40.27
C ASN B 14 -23.54 16.47 -40.00
N ILE B 15 -23.17 16.51 -38.72
CA ILE B 15 -21.77 16.54 -38.30
C ILE B 15 -21.26 15.17 -37.82
N PHE B 16 -22.05 14.44 -37.05
CA PHE B 16 -21.60 13.17 -36.50
C PHE B 16 -21.82 12.04 -37.51
N GLY B 17 -22.89 12.16 -38.30
CA GLY B 17 -23.19 11.20 -39.35
C GLY B 17 -22.04 10.90 -40.28
N PRO B 18 -21.49 11.91 -40.95
CA PRO B 18 -20.29 11.73 -41.79
C PRO B 18 -19.06 11.18 -41.05
N LEU B 19 -18.91 11.54 -39.79
CA LEU B 19 -17.81 11.03 -38.97
C LEU B 19 -17.88 9.48 -38.84
N VAL B 20 -19.07 8.96 -38.59
CA VAL B 20 -19.32 7.52 -38.52
C VAL B 20 -19.05 6.82 -39.86
N LYS B 21 -19.47 7.44 -40.97
CA LYS B 21 -19.23 6.91 -42.32
C LYS B 21 -17.76 6.73 -42.56
N LEU B 22 -16.99 7.77 -42.22
CA LEU B 22 -15.54 7.78 -42.34
C LEU B 22 -14.93 6.55 -41.69
N GLU B 23 -15.25 6.30 -40.42
CA GLU B 23 -14.67 5.17 -39.68
C GLU B 23 -15.24 3.83 -40.12
N ALA B 24 -16.49 3.82 -40.57
CA ALA B 24 -17.13 2.57 -41.00
C ALA B 24 -16.42 2.03 -42.23
N ASP B 25 -16.15 2.89 -43.19
CA ASP B 25 -15.44 2.46 -44.38
C ASP B 25 -13.95 2.28 -44.13
N TYR B 26 -13.37 3.06 -43.24
CA TYR B 26 -11.98 2.88 -42.87
C TYR B 26 -11.80 1.50 -42.25
N ASP B 27 -12.76 1.11 -41.43
CA ASP B 27 -12.78 -0.20 -40.81
C ASP B 27 -12.97 -1.30 -41.86
N LYS B 28 -13.81 -1.04 -42.85
CA LYS B 28 -14.08 -2.03 -43.90
C LYS B 28 -12.83 -2.30 -44.73
N LYS B 29 -12.25 -1.26 -45.32
CA LYS B 29 -11.03 -1.37 -46.11
C LYS B 29 -9.88 -1.96 -45.30
N LEU B 30 -9.78 -1.54 -44.04
CA LEU B 30 -8.78 -2.10 -43.14
C LEU B 30 -8.96 -3.62 -43.03
N LYS B 31 -10.18 -4.04 -42.75
CA LYS B 31 -10.53 -5.45 -42.58
C LYS B 31 -10.28 -6.28 -43.85
N GLU B 32 -10.56 -5.69 -45.01
CA GLU B 32 -10.33 -6.37 -46.29
C GLU B 32 -8.84 -6.49 -46.63
N SER B 33 -8.03 -5.56 -46.13
CA SER B 33 -6.59 -5.57 -46.33
C SER B 33 -5.88 -6.60 -45.46
N GLN B 34 -6.59 -7.20 -44.51
CA GLN B 34 -6.04 -8.26 -43.66
C GLN B 34 -6.12 -9.65 -44.32
N THR B 35 -6.63 -9.73 -45.55
CA THR B 35 -6.69 -11.00 -46.28
C THR B 35 -5.30 -11.56 -46.60
N GLN B 36 -5.09 -12.84 -46.27
CA GLN B 36 -3.83 -13.54 -46.52
C GLN B 36 -4.12 -14.81 -47.32
N ASP B 37 -3.18 -15.19 -48.20
CA ASP B 37 -3.31 -16.42 -48.98
C ASP B 37 -2.23 -17.43 -48.58
N ASN B 38 -2.23 -18.61 -49.23
CA ASN B 38 -1.26 -19.68 -48.96
C ASN B 38 -1.12 -19.99 -47.46
N ILE B 39 -2.24 -20.28 -46.81
CA ILE B 39 -2.28 -20.54 -45.37
C ILE B 39 -2.48 -22.02 -45.10
N THR B 40 -1.65 -22.57 -44.22
CA THR B 40 -1.76 -23.96 -43.80
C THR B 40 -2.78 -24.04 -42.66
N VAL B 41 -3.61 -25.09 -42.68
CA VAL B 41 -4.62 -25.33 -41.65
C VAL B 41 -4.29 -26.59 -40.82
N ARG B 42 -4.88 -26.69 -39.63
CA ARG B 42 -4.89 -27.92 -38.85
C ARG B 42 -6.32 -28.18 -38.42
N TRP B 43 -6.93 -29.25 -38.91
CA TRP B 43 -8.32 -29.51 -38.61
C TRP B 43 -8.48 -30.29 -37.30
N ASP B 44 -9.69 -30.21 -36.74
CA ASP B 44 -10.00 -30.87 -35.47
C ASP B 44 -11.52 -30.98 -35.26
N LEU B 45 -11.90 -31.62 -34.16
CA LEU B 45 -13.31 -31.80 -33.82
C LEU B 45 -13.52 -31.51 -32.34
N GLY B 46 -14.22 -30.42 -32.05
CA GLY B 46 -14.66 -30.14 -30.70
C GLY B 46 -15.60 -31.25 -30.28
N LEU B 47 -15.88 -31.35 -28.99
CA LEU B 47 -16.74 -32.41 -28.48
C LEU B 47 -18.21 -32.13 -28.78
N ASN B 48 -18.50 -30.93 -29.28
CA ASN B 48 -19.82 -30.58 -29.82
C ASN B 48 -20.04 -31.02 -31.27
N LYS B 49 -19.01 -31.61 -31.88
CA LYS B 49 -19.00 -32.03 -33.29
C LYS B 49 -18.86 -30.86 -34.30
N LYS B 50 -18.85 -29.62 -33.80
CA LYS B 50 -18.51 -28.48 -34.63
C LYS B 50 -17.01 -28.48 -34.94
N ARG B 51 -16.67 -28.42 -36.23
CA ARG B 51 -15.28 -28.43 -36.67
C ARG B 51 -14.53 -27.15 -36.35
N ILE B 52 -13.32 -27.32 -35.82
CA ILE B 52 -12.45 -26.20 -35.52
C ILE B 52 -11.31 -26.23 -36.54
N ALA B 53 -10.76 -25.06 -36.86
CA ALA B 53 -9.66 -24.96 -37.81
C ALA B 53 -8.59 -24.00 -37.29
N TYR B 54 -7.38 -24.52 -37.09
CA TYR B 54 -6.25 -23.73 -36.58
C TYR B 54 -5.38 -23.27 -37.75
N PHE B 55 -4.63 -22.17 -37.55
CA PHE B 55 -3.72 -21.65 -38.57
C PHE B 55 -2.94 -20.44 -38.09
N THR B 56 -1.86 -20.10 -38.81
CA THR B 56 -0.97 -18.99 -38.44
C THR B 56 -0.76 -18.02 -39.59
N LEU B 57 -0.74 -16.73 -39.28
CA LEU B 57 -0.70 -15.66 -40.29
C LEU B 57 0.65 -14.92 -40.29
N PRO B 58 1.23 -14.71 -41.48
CA PRO B 58 2.45 -13.91 -41.63
C PRO B 58 2.47 -12.60 -40.82
N LEU B 66 -7.83 -8.37 -33.71
CA LEU B 66 -8.61 -9.59 -33.65
C LEU B 66 -9.13 -9.84 -32.24
N MET B 67 -10.27 -10.54 -32.16
CA MET B 67 -11.03 -10.65 -30.92
C MET B 67 -11.96 -11.85 -30.95
N GLN B 68 -12.20 -12.45 -29.79
CA GLN B 68 -13.04 -13.64 -29.67
C GLN B 68 -14.45 -13.32 -30.18
N GLY B 69 -15.01 -14.20 -30.99
CA GLY B 69 -16.34 -14.02 -31.56
C GLY B 69 -16.32 -13.51 -33.00
N ASP B 70 -15.32 -12.70 -33.33
CA ASP B 70 -15.13 -12.17 -34.68
C ASP B 70 -15.26 -13.27 -35.72
N GLU B 71 -15.86 -12.95 -36.87
CA GLU B 71 -16.03 -13.93 -37.92
C GLU B 71 -14.88 -13.85 -38.93
N ILE B 72 -14.33 -15.01 -39.29
CA ILE B 72 -13.38 -15.14 -40.37
C ILE B 72 -13.99 -16.06 -41.42
N CYS B 73 -13.63 -15.86 -42.68
CA CYS B 73 -14.10 -16.70 -43.78
C CYS B 73 -12.94 -17.47 -44.39
N LEU B 74 -12.95 -18.80 -44.20
CA LEU B 74 -11.94 -19.68 -44.78
C LEU B 74 -12.37 -20.15 -46.17
N ARG B 75 -11.47 -20.01 -47.15
CA ARG B 75 -11.69 -20.46 -48.52
C ARG B 75 -10.55 -21.38 -48.96
N TYR B 76 -10.87 -22.44 -49.67
CA TYR B 76 -9.85 -23.35 -50.21
C TYR B 76 -9.69 -23.11 -51.70
N LYS B 77 -8.50 -22.66 -52.10
CA LYS B 77 -8.18 -22.47 -53.52
C LYS B 77 -6.98 -23.34 -53.87
N GLY B 78 -7.25 -24.64 -54.06
CA GLY B 78 -6.22 -25.61 -54.39
C GLY B 78 -6.60 -26.51 -55.55
N ASP B 79 -5.65 -27.36 -55.96
CA ASP B 79 -5.77 -28.14 -57.19
C ASP B 79 -6.84 -29.23 -57.12
N LEU B 80 -7.18 -29.66 -55.90
CA LEU B 80 -8.11 -30.79 -55.70
C LEU B 80 -9.58 -30.38 -55.90
N ALA B 81 -10.46 -31.38 -55.89
CA ALA B 81 -11.88 -31.20 -56.23
C ALA B 81 -12.82 -30.61 -55.15
N PRO B 82 -12.32 -30.18 -53.99
CA PRO B 82 -13.17 -29.37 -53.10
C PRO B 82 -13.52 -27.97 -53.65
N LEU B 83 -12.58 -27.02 -53.62
CA LEU B 83 -12.88 -25.58 -53.80
C LEU B 83 -14.13 -25.16 -53.01
N TRP B 84 -13.92 -24.91 -51.72
CA TRP B 84 -15.01 -24.77 -50.74
C TRP B 84 -14.88 -23.47 -49.96
N LYS B 85 -16.02 -22.87 -49.63
CA LYS B 85 -16.06 -21.70 -48.76
C LYS B 85 -16.70 -22.11 -47.45
N GLY B 86 -16.31 -21.45 -46.36
CA GLY B 86 -16.82 -21.76 -45.04
C GLY B 86 -16.59 -20.65 -44.03
N ILE B 87 -17.63 -20.30 -43.29
CA ILE B 87 -17.56 -19.25 -42.27
C ILE B 87 -17.57 -19.88 -40.89
N GLY B 88 -16.81 -19.27 -39.98
CA GLY B 88 -16.78 -19.65 -38.58
C GLY B 88 -16.31 -18.50 -37.71
N HIS B 89 -16.47 -18.63 -36.39
CA HIS B 89 -16.12 -17.56 -35.46
C HIS B 89 -14.86 -17.88 -34.65
N VAL B 90 -14.10 -16.84 -34.32
CA VAL B 90 -12.84 -16.98 -33.63
C VAL B 90 -13.09 -17.56 -32.24
N ILE B 91 -12.16 -18.39 -31.79
CA ILE B 91 -12.23 -19.02 -30.48
C ILE B 91 -10.86 -19.14 -29.80
N LYS B 92 -9.87 -18.45 -30.37
CA LYS B 92 -8.53 -18.32 -29.78
C LYS B 92 -7.73 -17.32 -30.61
N VAL B 93 -7.11 -16.34 -29.94
CA VAL B 93 -6.29 -15.33 -30.63
C VAL B 93 -4.80 -15.50 -30.29
N PRO B 94 -3.92 -14.97 -31.14
CA PRO B 94 -2.47 -15.06 -30.89
C PRO B 94 -2.06 -14.39 -29.57
N ASP B 95 -1.29 -15.09 -28.74
CA ASP B 95 -0.88 -14.57 -27.44
C ASP B 95 0.47 -15.16 -27.00
N ASN B 96 0.70 -15.27 -25.68
CA ASN B 96 1.93 -15.83 -25.13
C ASN B 96 2.19 -17.30 -25.53
N TYR B 97 1.12 -18.08 -25.70
CA TYR B 97 1.23 -19.48 -26.09
C TYR B 97 1.76 -19.64 -27.52
N GLY B 98 1.16 -18.94 -28.47
CA GLY B 98 1.61 -18.99 -29.86
C GLY B 98 0.93 -17.98 -30.77
N ASP B 99 1.47 -17.81 -31.98
CA ASP B 99 0.93 -16.87 -32.97
C ASP B 99 -0.28 -17.44 -33.74
N GLU B 100 -0.69 -18.64 -33.37
CA GLU B 100 -1.81 -19.35 -34.00
C GLU B 100 -3.17 -18.70 -33.71
N ILE B 101 -4.09 -18.88 -34.65
CA ILE B 101 -5.48 -18.43 -34.56
C ILE B 101 -6.38 -19.65 -34.67
N ALA B 102 -7.60 -19.58 -34.14
CA ALA B 102 -8.51 -20.72 -34.20
C ALA B 102 -9.98 -20.31 -34.42
N ILE B 103 -10.68 -21.04 -35.29
CA ILE B 103 -12.09 -20.76 -35.60
C ILE B 103 -12.95 -22.03 -35.57
N GLU B 104 -14.22 -21.87 -35.18
CA GLU B 104 -15.17 -22.96 -35.16
C GLU B 104 -16.20 -22.71 -36.25
N LEU B 105 -16.35 -23.65 -37.19
CA LEU B 105 -17.25 -23.49 -38.33
C LEU B 105 -18.71 -23.65 -37.95
N ARG B 106 -19.52 -22.65 -38.33
CA ARG B 106 -20.95 -22.63 -38.05
C ARG B 106 -21.68 -23.87 -38.57
N SER B 107 -21.29 -24.34 -39.75
CA SER B 107 -21.88 -25.52 -40.37
C SER B 107 -20.77 -26.35 -41.01
N SER B 108 -20.48 -27.49 -40.43
CA SER B 108 -19.28 -28.24 -40.77
C SER B 108 -19.54 -29.47 -41.66
N VAL B 109 -20.56 -29.39 -42.52
CA VAL B 109 -20.94 -30.54 -43.34
C VAL B 109 -19.92 -30.89 -44.44
N GLY B 110 -19.58 -29.90 -45.27
CA GLY B 110 -18.73 -30.16 -46.44
C GLY B 110 -17.29 -29.69 -46.32
N ALA B 111 -16.80 -29.56 -45.09
CA ALA B 111 -15.45 -29.06 -44.84
C ALA B 111 -14.37 -29.98 -45.46
N PRO B 112 -13.35 -29.41 -46.08
CA PRO B 112 -12.19 -30.17 -46.56
C PRO B 112 -11.19 -30.45 -45.44
N VAL B 113 -11.52 -31.43 -44.61
CA VAL B 113 -10.63 -31.90 -43.55
C VAL B 113 -9.49 -32.69 -44.20
N GLU B 114 -9.79 -33.21 -45.38
CA GLU B 114 -8.83 -33.91 -46.25
C GLU B 114 -7.57 -33.09 -46.55
N VAL B 115 -7.75 -31.87 -47.05
CA VAL B 115 -6.62 -31.01 -47.45
C VAL B 115 -6.24 -30.06 -46.33
N THR B 116 -5.08 -29.45 -46.44
CA THR B 116 -4.58 -28.61 -45.36
C THR B 116 -3.41 -27.69 -45.76
N HIS B 117 -3.41 -27.17 -46.99
CA HIS B 117 -2.25 -26.41 -47.47
C HIS B 117 -2.50 -25.07 -48.16
N ASN B 118 -3.47 -24.99 -49.06
CA ASN B 118 -3.67 -23.77 -49.86
C ASN B 118 -4.96 -23.01 -49.55
N PHE B 119 -5.02 -22.45 -48.33
CA PHE B 119 -6.22 -21.74 -47.85
C PHE B 119 -6.02 -20.23 -47.82
N GLN B 120 -7.12 -19.51 -47.95
CA GLN B 120 -7.17 -18.07 -47.81
C GLN B 120 -8.04 -17.71 -46.61
N VAL B 121 -7.58 -16.74 -45.81
CA VAL B 121 -8.30 -16.26 -44.64
C VAL B 121 -8.80 -14.85 -44.91
N ASP B 122 -10.07 -14.60 -44.66
CA ASP B 122 -10.67 -13.27 -44.83
C ASP B 122 -11.38 -12.88 -43.54
N PHE B 123 -11.09 -11.69 -43.04
CA PHE B 123 -11.76 -11.19 -41.84
C PHE B 123 -13.06 -10.50 -42.25
N VAL B 124 -14.19 -11.05 -41.80
CA VAL B 124 -15.51 -10.62 -42.21
C VAL B 124 -15.91 -9.32 -41.54
N TRP B 125 -16.27 -8.33 -42.36
CA TRP B 125 -16.60 -7.00 -41.87
C TRP B 125 -18.09 -6.89 -41.59
N LYS B 126 -18.41 -6.42 -40.39
CA LYS B 126 -19.79 -6.24 -40.01
C LYS B 126 -20.09 -4.76 -39.82
N SER B 127 -21.20 -4.35 -40.40
CA SER B 127 -21.65 -2.98 -40.43
C SER B 127 -22.55 -2.67 -39.24
N THR B 128 -23.01 -3.70 -38.54
CA THR B 128 -24.00 -3.60 -37.47
C THR B 128 -23.86 -2.41 -36.55
N SER B 129 -22.69 -2.27 -35.94
CA SER B 129 -22.45 -1.20 -34.98
C SER B 129 -22.57 0.15 -35.66
N PHE B 130 -21.95 0.30 -36.83
CA PHE B 130 -22.03 1.56 -37.58
C PHE B 130 -23.46 1.90 -38.01
N ASP B 131 -24.19 0.92 -38.52
CA ASP B 131 -25.59 1.14 -38.94
C ASP B 131 -26.45 1.65 -37.78
N ARG B 132 -26.20 1.11 -36.59
CA ARG B 132 -26.96 1.49 -35.41
C ARG B 132 -26.62 2.90 -34.96
N MET B 133 -25.35 3.28 -35.03
CA MET B 133 -24.92 4.61 -34.64
C MET B 133 -25.59 5.61 -35.56
N GLN B 134 -25.58 5.30 -36.84
CA GLN B 134 -26.22 6.13 -37.87
C GLN B 134 -27.74 6.20 -37.67
N SER B 135 -28.33 5.07 -37.32
CA SER B 135 -29.78 5.03 -37.11
C SER B 135 -30.14 5.83 -35.86
N ALA B 136 -29.32 5.75 -34.83
CA ALA B 136 -29.52 6.54 -33.61
C ALA B 136 -29.52 8.04 -33.85
N LEU B 137 -28.58 8.50 -34.66
CA LEU B 137 -28.49 9.92 -34.96
C LEU B 137 -29.72 10.42 -35.72
N LYS B 138 -30.22 9.59 -36.61
CA LYS B 138 -31.44 9.89 -37.37
C LYS B 138 -32.64 10.00 -36.45
N THR B 139 -32.73 9.08 -35.49
CA THR B 139 -33.81 9.06 -34.52
C THR B 139 -33.79 10.31 -33.63
N PHE B 140 -32.60 10.79 -33.31
CA PHE B 140 -32.42 11.95 -32.47
C PHE B 140 -32.93 13.20 -33.20
N ALA B 141 -32.74 13.23 -34.51
CA ALA B 141 -33.16 14.37 -35.32
C ALA B 141 -34.64 14.35 -35.68
N VAL B 142 -35.19 13.14 -35.87
CA VAL B 142 -36.54 12.97 -36.45
C VAL B 142 -37.61 12.56 -35.43
N ASP B 143 -37.25 11.73 -34.47
CA ASP B 143 -38.19 11.27 -33.44
C ASP B 143 -38.07 12.11 -32.15
N GLU B 144 -39.09 12.91 -31.89
CA GLU B 144 -39.10 13.85 -30.76
C GLU B 144 -39.35 13.19 -29.42
N THR B 145 -39.80 11.95 -29.42
CA THR B 145 -39.97 11.16 -28.20
C THR B 145 -38.70 10.39 -27.79
N SER B 146 -37.61 10.58 -28.54
CA SER B 146 -36.36 9.84 -28.33
C SER B 146 -35.59 10.32 -27.10
N VAL B 147 -35.67 11.63 -26.82
CA VAL B 147 -35.20 12.19 -25.55
C VAL B 147 -36.21 13.22 -25.04
N SER B 148 -36.12 13.57 -23.76
CA SER B 148 -37.18 14.32 -23.07
C SER B 148 -37.42 15.76 -23.49
N GLY B 149 -36.44 16.43 -24.07
CA GLY B 149 -36.62 17.85 -24.36
C GLY B 149 -35.61 18.66 -23.58
N TYR B 150 -35.66 18.53 -22.26
CA TYR B 150 -34.58 19.03 -21.43
C TYR B 150 -33.28 18.36 -21.86
N ILE B 151 -33.29 17.03 -21.96
CA ILE B 151 -32.09 16.29 -22.37
C ILE B 151 -31.63 16.71 -23.77
N TYR B 152 -32.57 16.95 -24.67
CA TYR B 152 -32.29 17.45 -26.01
C TYR B 152 -31.50 18.77 -25.98
N HIS B 153 -32.04 19.75 -25.27
CA HIS B 153 -31.38 21.05 -25.11
C HIS B 153 -30.00 20.93 -24.46
N LYS B 154 -29.89 20.07 -23.46
CA LYS B 154 -28.65 19.96 -22.69
C LYS B 154 -27.52 19.34 -23.51
N LEU B 155 -27.86 18.35 -24.34
CA LEU B 155 -26.88 17.65 -25.16
C LEU B 155 -26.41 18.53 -26.31
N LEU B 156 -27.27 19.45 -26.74
CA LEU B 156 -26.93 20.38 -27.82
C LEU B 156 -26.28 21.65 -27.29
N GLY B 157 -26.05 21.71 -25.97
CA GLY B 157 -25.33 22.83 -25.38
C GLY B 157 -26.15 24.10 -25.23
N HIS B 158 -27.46 23.99 -25.40
CA HIS B 158 -28.37 25.11 -25.14
C HIS B 158 -28.43 25.39 -23.65
N GLU B 159 -28.67 26.64 -23.29
CA GLU B 159 -28.78 27.02 -21.89
C GLU B 159 -30.23 26.99 -21.44
N VAL B 160 -30.55 25.96 -20.66
CA VAL B 160 -31.87 25.76 -20.08
C VAL B 160 -31.72 25.70 -18.55
N GLU B 161 -32.75 26.16 -17.84
CA GLU B 161 -32.71 26.16 -16.38
C GLU B 161 -32.70 24.74 -15.84
N ASP B 162 -32.02 24.53 -14.73
CA ASP B 162 -31.94 23.22 -14.09
C ASP B 162 -33.32 22.67 -13.74
N VAL B 163 -33.42 21.35 -13.75
CA VAL B 163 -34.63 20.63 -13.37
C VAL B 163 -34.28 19.71 -12.20
N ILE B 164 -35.18 19.62 -11.23
CA ILE B 164 -35.08 18.66 -10.14
C ILE B 164 -36.14 17.57 -10.34
N ILE B 165 -35.67 16.33 -10.50
CA ILE B 165 -36.53 15.14 -10.48
C ILE B 165 -37.02 14.95 -9.04
N LYS B 166 -38.32 14.70 -8.88
CA LYS B 166 -38.92 14.62 -7.54
C LYS B 166 -39.29 13.17 -7.18
N CYS B 167 -38.33 12.28 -7.37
CA CYS B 167 -38.43 10.88 -6.96
C CYS B 167 -38.36 10.70 -5.45
N GLN B 168 -38.76 9.51 -5.00
CA GLN B 168 -38.70 9.18 -3.58
C GLN B 168 -37.26 8.82 -3.23
N LEU B 169 -36.59 9.71 -2.50
CA LEU B 169 -35.22 9.46 -2.05
C LEU B 169 -35.21 8.35 -1.00
N PRO B 170 -34.23 7.45 -1.06
CA PRO B 170 -34.08 6.41 -0.05
C PRO B 170 -33.69 6.98 1.31
N LYS B 171 -34.11 6.31 2.38
CA LYS B 171 -33.67 6.68 3.72
C LYS B 171 -32.17 6.39 3.85
N ARG B 172 -31.77 5.20 3.42
CA ARG B 172 -30.37 4.80 3.35
C ARG B 172 -29.95 4.62 1.87
N PHE B 173 -28.78 5.11 1.52
CA PHE B 173 -28.36 5.16 0.11
C PHE B 173 -27.57 3.92 -0.31
N THR B 174 -26.80 3.35 0.61
CA THR B 174 -26.23 2.02 0.41
C THR B 174 -27.33 1.06 -0.01
N ALA B 175 -26.98 0.07 -0.81
CA ALA B 175 -27.93 -0.87 -1.36
C ALA B 175 -27.67 -2.28 -0.85
N GLN B 176 -28.74 -3.07 -0.76
CA GLN B 176 -28.65 -4.47 -0.37
C GLN B 176 -27.61 -5.17 -1.24
N GLY B 177 -26.72 -5.93 -0.60
CA GLY B 177 -25.78 -6.78 -1.30
C GLY B 177 -24.49 -6.14 -1.78
N LEU B 178 -24.39 -4.81 -1.67
CA LEU B 178 -23.21 -4.08 -2.12
C LEU B 178 -22.53 -3.37 -0.95
N PRO B 179 -21.27 -2.97 -1.12
CA PRO B 179 -20.53 -2.26 -0.07
C PRO B 179 -21.14 -0.94 0.40
N ASP B 180 -20.84 -0.58 1.65
CA ASP B 180 -21.31 0.67 2.25
C ASP B 180 -20.68 1.88 1.56
N LEU B 181 -21.54 2.70 0.96
CA LEU B 181 -21.10 3.90 0.24
C LEU B 181 -20.25 4.82 1.13
N ASN B 182 -19.20 5.40 0.56
CA ASN B 182 -18.41 6.40 1.25
C ASN B 182 -18.99 7.79 0.99
N HIS B 183 -18.49 8.79 1.71
CA HIS B 183 -19.08 10.13 1.66
C HIS B 183 -19.23 10.62 0.22
N SER B 184 -18.16 10.49 -0.57
CA SER B 184 -18.17 10.95 -1.96
C SER B 184 -19.22 10.21 -2.80
N GLN B 185 -19.35 8.90 -2.58
CA GLN B 185 -20.33 8.07 -3.27
C GLN B 185 -21.77 8.40 -2.89
N VAL B 186 -22.04 8.57 -1.59
CA VAL B 186 -23.35 8.97 -1.11
C VAL B 186 -23.76 10.27 -1.78
N TYR B 187 -22.82 11.20 -1.89
CA TYR B 187 -23.08 12.49 -2.50
C TYR B 187 -23.40 12.36 -3.99
N ALA B 188 -22.75 11.40 -4.66
CA ALA B 188 -22.98 11.12 -6.07
C ALA B 188 -24.37 10.51 -6.30
N VAL B 189 -24.65 9.39 -5.64
CA VAL B 189 -25.92 8.68 -5.78
C VAL B 189 -27.10 9.57 -5.42
N LYS B 190 -26.95 10.35 -4.35
CA LYS B 190 -27.97 11.28 -3.87
C LYS B 190 -28.29 12.39 -4.89
N THR B 191 -27.26 12.98 -5.48
CA THR B 191 -27.41 14.09 -6.42
C THR B 191 -28.01 13.65 -7.75
N VAL B 192 -27.56 12.47 -8.17
CA VAL B 192 -27.79 11.92 -9.50
C VAL B 192 -29.23 11.46 -9.68
N LEU B 193 -29.82 10.93 -8.62
CA LEU B 193 -31.21 10.49 -8.65
C LEU B 193 -32.15 11.67 -8.81
N GLN B 194 -31.66 12.86 -8.47
CA GLN B 194 -32.47 14.07 -8.46
C GLN B 194 -32.30 14.96 -9.70
N ARG B 195 -31.34 14.63 -10.55
CA ARG B 195 -31.05 15.40 -11.76
C ARG B 195 -31.33 14.57 -13.01
N PRO B 196 -31.96 15.15 -14.03
CA PRO B 196 -32.14 14.47 -15.32
C PRO B 196 -30.85 14.14 -16.10
N LEU B 197 -29.73 14.77 -15.77
CA LEU B 197 -28.50 14.55 -16.51
C LEU B 197 -27.32 14.85 -15.63
N SER B 198 -26.41 13.88 -15.51
CA SER B 198 -25.29 14.00 -14.58
C SER B 198 -24.08 13.20 -15.06
N LEU B 199 -22.90 13.70 -14.72
CA LEU B 199 -21.65 12.98 -14.96
C LEU B 199 -21.03 12.59 -13.63
N ILE B 200 -20.51 11.37 -13.53
CA ILE B 200 -19.74 10.95 -12.37
C ILE B 200 -18.34 10.60 -12.85
N GLN B 201 -17.33 11.32 -12.35
CA GLN B 201 -15.94 11.01 -12.65
C GLN B 201 -15.41 10.06 -11.60
N GLY B 202 -14.83 8.96 -12.05
CA GLY B 202 -14.35 7.92 -11.16
C GLY B 202 -12.91 7.57 -11.48
N PRO B 203 -11.97 8.19 -10.78
CA PRO B 203 -10.56 7.80 -10.85
C PRO B 203 -10.35 6.30 -10.60
N PRO B 204 -9.17 5.78 -10.91
CA PRO B 204 -8.88 4.35 -10.71
C PRO B 204 -9.28 3.78 -9.34
N GLY B 205 -10.16 2.80 -9.35
CA GLY B 205 -10.56 2.07 -8.16
C GLY B 205 -11.47 2.81 -7.19
N THR B 206 -12.20 3.82 -7.66
CA THR B 206 -13.00 4.67 -6.78
C THR B 206 -14.47 4.24 -6.62
N GLY B 207 -14.84 3.12 -7.23
CA GLY B 207 -16.20 2.62 -7.11
C GLY B 207 -17.16 3.13 -8.17
N LYS B 208 -16.71 3.19 -9.41
CA LYS B 208 -17.57 3.53 -10.54
C LYS B 208 -18.71 2.53 -10.71
N THR B 209 -18.37 1.25 -10.71
CA THR B 209 -19.34 0.18 -10.92
C THR B 209 -20.17 -0.17 -9.69
N VAL B 210 -19.56 -0.06 -8.50
CA VAL B 210 -20.31 -0.16 -7.25
C VAL B 210 -21.33 0.97 -7.15
N THR B 211 -20.92 2.17 -7.53
CA THR B 211 -21.80 3.33 -7.45
C THR B 211 -22.89 3.24 -8.51
N SER B 212 -22.48 2.91 -9.73
CA SER B 212 -23.40 2.66 -10.84
C SER B 212 -24.47 1.68 -10.43
N ALA B 213 -24.05 0.55 -9.87
CA ALA B 213 -24.94 -0.50 -9.45
C ALA B 213 -25.92 -0.01 -8.39
N THR B 214 -25.44 0.88 -7.52
CA THR B 214 -26.26 1.43 -6.45
C THR B 214 -27.32 2.40 -7.01
N ILE B 215 -26.93 3.24 -7.95
CA ILE B 215 -27.84 4.17 -8.59
C ILE B 215 -28.96 3.41 -9.28
N VAL B 216 -28.60 2.36 -10.03
CA VAL B 216 -29.56 1.53 -10.75
C VAL B 216 -30.53 0.86 -9.78
N TYR B 217 -30.04 0.45 -8.62
CA TYR B 217 -30.87 -0.19 -7.62
C TYR B 217 -32.04 0.71 -7.25
N HIS B 218 -31.73 1.96 -6.90
CA HIS B 218 -32.75 2.91 -6.44
C HIS B 218 -33.69 3.32 -7.58
N LEU B 219 -33.16 3.44 -8.79
CA LEU B 219 -33.95 3.77 -9.97
C LEU B 219 -34.89 2.61 -10.34
N ALA B 220 -34.48 1.39 -10.01
CA ALA B 220 -35.31 0.21 -10.24
C ALA B 220 -36.42 0.06 -9.18
N ARG B 221 -36.20 0.64 -8.00
CA ARG B 221 -37.13 0.55 -6.88
C ARG B 221 -38.25 1.60 -6.96
N GLN B 222 -38.48 2.17 -8.13
CA GLN B 222 -39.53 3.16 -8.34
C GLN B 222 -40.58 2.61 -9.29
N GLY B 223 -41.75 3.23 -9.31
CA GLY B 223 -42.92 2.66 -9.99
C GLY B 223 -42.94 2.80 -11.51
N ASN B 224 -41.77 2.64 -12.14
CA ASN B 224 -41.60 2.86 -13.57
C ASN B 224 -40.94 1.64 -14.23
N GLY B 225 -40.84 1.67 -15.56
CA GLY B 225 -40.35 0.53 -16.32
C GLY B 225 -38.94 0.07 -16.01
N PRO B 226 -38.41 -0.85 -16.81
CA PRO B 226 -37.01 -1.30 -16.63
C PRO B 226 -35.99 -0.20 -16.90
N VAL B 227 -34.88 -0.28 -16.17
CA VAL B 227 -33.76 0.64 -16.30
C VAL B 227 -32.83 0.06 -17.34
N LEU B 228 -32.38 0.89 -18.28
CA LEU B 228 -31.37 0.48 -19.26
C LEU B 228 -30.00 0.84 -18.71
N VAL B 229 -29.09 -0.12 -18.76
CA VAL B 229 -27.74 0.03 -18.23
C VAL B 229 -26.77 -0.51 -19.28
N CYS B 230 -25.86 0.33 -19.76
CA CYS B 230 -24.95 -0.10 -20.80
C CYS B 230 -23.48 0.23 -20.49
N ALA B 231 -22.60 -0.28 -21.33
CA ALA B 231 -21.18 0.06 -21.29
C ALA B 231 -20.56 -0.33 -22.62
N PRO B 232 -19.46 0.32 -23.01
CA PRO B 232 -18.86 0.05 -24.33
C PRO B 232 -18.44 -1.40 -24.55
N SER B 233 -17.81 -2.02 -23.57
CA SER B 233 -17.26 -3.37 -23.74
C SER B 233 -18.10 -4.45 -23.05
N ASN B 234 -18.05 -5.65 -23.59
CA ASN B 234 -18.69 -6.81 -22.98
C ASN B 234 -18.18 -7.14 -21.59
N ILE B 235 -16.91 -6.79 -21.31
CA ILE B 235 -16.32 -6.99 -19.99
C ILE B 235 -16.97 -6.05 -18.98
N ALA B 236 -16.99 -4.77 -19.31
CA ALA B 236 -17.54 -3.72 -18.46
C ALA B 236 -19.02 -3.95 -18.13
N VAL B 237 -19.76 -4.53 -19.08
CA VAL B 237 -21.18 -4.80 -18.91
C VAL B 237 -21.40 -5.99 -17.98
N ASP B 238 -20.56 -7.02 -18.10
CA ASP B 238 -20.63 -8.19 -17.21
C ASP B 238 -20.39 -7.78 -15.76
N GLN B 239 -19.43 -6.89 -15.54
CA GLN B 239 -19.08 -6.45 -14.20
C GLN B 239 -20.22 -5.70 -13.55
N LEU B 240 -20.86 -4.85 -14.34
CA LEU B 240 -22.01 -4.10 -13.85
C LEU B 240 -23.22 -5.02 -13.68
N THR B 241 -23.37 -5.99 -14.58
CA THR B 241 -24.41 -7.00 -14.48
C THR B 241 -24.31 -7.81 -13.18
N GLU B 242 -23.09 -8.15 -12.80
CA GLU B 242 -22.82 -8.93 -11.58
C GLU B 242 -23.22 -8.16 -10.34
N LYS B 243 -22.87 -6.88 -10.30
CA LYS B 243 -23.16 -6.02 -9.16
C LYS B 243 -24.65 -5.73 -9.02
N ILE B 244 -25.34 -5.54 -10.15
CA ILE B 244 -26.79 -5.33 -10.12
C ILE B 244 -27.50 -6.59 -9.57
N HIS B 245 -26.98 -7.76 -9.94
CA HIS B 245 -27.56 -9.03 -9.51
C HIS B 245 -27.41 -9.22 -8.00
N GLN B 246 -26.32 -8.71 -7.44
CA GLN B 246 -26.04 -8.82 -6.01
C GLN B 246 -27.07 -8.10 -5.11
N THR B 247 -27.83 -7.17 -5.68
CA THR B 247 -28.84 -6.40 -4.92
C THR B 247 -30.25 -7.01 -4.88
N GLY B 248 -30.41 -8.22 -5.43
CA GLY B 248 -31.71 -8.89 -5.44
C GLY B 248 -32.63 -8.54 -6.61
N LEU B 249 -32.20 -7.62 -7.49
CA LEU B 249 -33.00 -7.25 -8.64
C LEU B 249 -33.00 -8.33 -9.70
N LYS B 250 -33.98 -8.26 -10.59
CA LYS B 250 -34.08 -9.17 -11.72
C LYS B 250 -33.38 -8.54 -12.93
N VAL B 251 -32.23 -9.11 -13.30
CA VAL B 251 -31.42 -8.57 -14.38
C VAL B 251 -31.44 -9.49 -15.60
N VAL B 252 -31.45 -8.87 -16.77
CA VAL B 252 -31.32 -9.58 -18.04
C VAL B 252 -30.11 -9.02 -18.78
N ARG B 253 -29.19 -9.92 -19.12
CA ARG B 253 -28.03 -9.57 -19.91
C ARG B 253 -28.33 -9.88 -21.36
N LEU B 254 -28.40 -8.84 -22.18
CA LEU B 254 -28.63 -8.99 -23.59
C LEU B 254 -27.29 -9.13 -24.32
N CYS B 255 -27.08 -10.29 -24.92
CA CYS B 255 -25.86 -10.63 -25.65
C CYS B 255 -26.08 -10.61 -27.16
N ALA B 256 -25.08 -10.16 -27.91
CA ALA B 256 -25.15 -10.22 -29.36
C ALA B 256 -25.18 -11.67 -29.83
N LYS B 257 -25.97 -11.92 -30.88
CA LYS B 257 -26.24 -13.27 -31.37
C LYS B 257 -24.97 -14.12 -31.53
N SER B 258 -23.91 -13.52 -32.06
CA SER B 258 -22.63 -14.21 -32.26
C SER B 258 -21.90 -14.51 -30.94
N ARG B 259 -21.91 -13.54 -30.03
CA ARG B 259 -21.28 -13.71 -28.71
C ARG B 259 -22.06 -14.62 -27.75
N GLU B 260 -23.30 -14.98 -28.12
CA GLU B 260 -24.17 -15.79 -27.26
C GLU B 260 -23.44 -17.03 -26.79
N ALA B 261 -22.80 -17.72 -27.73
CA ALA B 261 -21.87 -18.78 -27.38
C ALA B 261 -20.65 -18.18 -26.66
N ILE B 262 -20.63 -18.32 -25.33
CA ILE B 262 -19.57 -17.79 -24.44
C ILE B 262 -19.92 -18.02 -22.96
N ASP B 263 -18.90 -18.20 -22.12
CA ASP B 263 -19.09 -18.36 -20.68
C ASP B 263 -18.45 -17.19 -19.91
N SER B 264 -19.21 -16.67 -18.95
CA SER B 264 -18.79 -15.57 -18.08
C SER B 264 -19.28 -15.85 -16.66
N PRO B 265 -18.94 -15.00 -15.69
CA PRO B 265 -19.55 -15.07 -14.35
C PRO B 265 -21.09 -14.87 -14.38
N VAL B 266 -21.60 -14.17 -15.39
CA VAL B 266 -23.03 -13.88 -15.50
C VAL B 266 -23.64 -14.51 -16.77
N SER B 267 -23.28 -15.76 -17.03
CA SER B 267 -23.83 -16.52 -18.16
C SER B 267 -25.28 -16.91 -17.92
N PHE B 268 -25.61 -17.27 -16.69
CA PHE B 268 -26.98 -17.55 -16.29
C PHE B 268 -27.94 -16.36 -16.47
N LEU B 269 -27.40 -15.14 -16.49
CA LEU B 269 -28.20 -13.92 -16.64
C LEU B 269 -28.54 -13.61 -18.09
N ALA B 270 -27.76 -14.15 -19.03
CA ALA B 270 -28.01 -13.97 -20.45
C ALA B 270 -29.45 -14.31 -20.82
N LEU B 271 -30.03 -13.53 -21.72
CA LEU B 271 -31.41 -13.75 -22.16
C LEU B 271 -31.55 -15.11 -22.81
N HIS B 272 -30.61 -15.46 -23.69
CA HIS B 272 -30.69 -16.74 -24.40
C HIS B 272 -30.61 -17.95 -23.47
N ASN B 273 -30.00 -17.82 -22.30
CA ASN B 273 -29.93 -18.90 -21.31
C ASN B 273 -31.15 -18.98 -20.39
N GLN B 274 -31.65 -17.83 -19.98
CA GLN B 274 -32.90 -17.74 -19.21
C GLN B 274 -34.06 -18.33 -20.01
N ILE B 275 -34.00 -18.21 -21.33
CA ILE B 275 -35.00 -18.78 -22.23
C ILE B 275 -34.95 -20.31 -22.22
N ARG B 276 -33.74 -20.87 -22.20
CA ARG B 276 -33.56 -22.31 -22.10
C ARG B 276 -33.91 -22.90 -20.73
N ASN B 277 -34.44 -22.09 -19.81
CA ASN B 277 -34.74 -22.53 -18.45
C ASN B 277 -36.06 -21.95 -17.95
N MET B 278 -37.14 -22.14 -18.71
CA MET B 278 -38.45 -21.62 -18.34
C MET B 278 -39.50 -22.72 -18.12
N ASP B 279 -40.20 -22.63 -17.00
CA ASP B 279 -41.37 -23.47 -16.74
C ASP B 279 -42.62 -22.90 -17.43
N SER B 280 -42.64 -21.58 -17.62
CA SER B 280 -43.73 -20.90 -18.35
C SER B 280 -43.73 -21.21 -19.84
N MET B 281 -42.75 -22.01 -20.30
CA MET B 281 -42.62 -22.35 -21.72
C MET B 281 -42.16 -23.81 -21.86
N PRO B 282 -43.07 -24.76 -21.71
CA PRO B 282 -42.76 -26.18 -21.99
C PRO B 282 -42.62 -26.44 -23.48
N GLU B 283 -43.57 -25.96 -24.28
CA GLU B 283 -43.52 -26.13 -25.74
C GLU B 283 -42.23 -25.59 -26.35
N LEU B 284 -41.68 -24.52 -25.76
CA LEU B 284 -40.43 -23.91 -26.24
C LEU B 284 -39.23 -24.76 -25.84
N GLN B 285 -39.26 -25.28 -24.62
CA GLN B 285 -38.20 -26.15 -24.12
C GLN B 285 -37.99 -27.38 -25.02
N LYS B 286 -39.08 -27.99 -25.47
CA LYS B 286 -38.99 -29.23 -26.26
C LYS B 286 -38.50 -28.98 -27.69
N LEU B 287 -38.93 -27.88 -28.31
CA LEU B 287 -38.48 -27.54 -29.67
C LEU B 287 -37.00 -27.16 -29.72
N GLN B 288 -36.51 -26.52 -28.66
CA GLN B 288 -35.09 -26.25 -28.50
C GLN B 288 -34.35 -27.58 -28.25
N GLN B 289 -35.00 -28.47 -27.48
CA GLN B 289 -34.54 -29.84 -27.26
C GLN B 289 -35.06 -30.80 -28.35
N LEU B 290 -35.08 -30.31 -29.59
CA LEU B 290 -35.46 -31.09 -30.76
C LEU B 290 -34.43 -30.96 -31.89
N LYS B 291 -33.75 -29.82 -31.96
CA LYS B 291 -32.64 -29.60 -32.90
C LYS B 291 -31.30 -30.05 -32.30
N ASP B 292 -31.28 -31.26 -31.73
CA ASP B 292 -30.12 -31.79 -31.01
C ASP B 292 -30.03 -33.30 -31.22
N LEU B 297 -34.32 -30.13 -36.99
CA LEU B 297 -35.17 -29.04 -37.45
C LEU B 297 -36.31 -29.54 -38.34
N SER B 298 -37.48 -28.91 -38.20
CA SER B 298 -38.66 -29.19 -39.03
C SER B 298 -39.31 -27.86 -39.45
N SER B 299 -39.68 -27.76 -40.71
CA SER B 299 -40.16 -26.49 -41.30
C SER B 299 -41.36 -25.86 -40.58
N ALA B 300 -42.29 -26.69 -40.12
CA ALA B 300 -43.46 -26.23 -39.36
C ALA B 300 -43.07 -25.88 -37.93
N ASP B 301 -42.23 -26.73 -37.33
CA ASP B 301 -41.74 -26.53 -35.96
C ASP B 301 -40.83 -25.29 -35.84
N GLU B 302 -40.24 -24.87 -36.95
CA GLU B 302 -39.39 -23.68 -37.00
C GLU B 302 -40.22 -22.40 -36.83
N LYS B 303 -41.42 -22.39 -37.40
CA LYS B 303 -42.36 -21.29 -37.24
C LYS B 303 -42.90 -21.19 -35.81
N ARG B 304 -43.07 -22.32 -35.14
CA ARG B 304 -43.49 -22.34 -33.74
C ARG B 304 -42.35 -21.96 -32.81
N TYR B 305 -41.12 -22.26 -33.23
CA TYR B 305 -39.95 -22.06 -32.40
C TYR B 305 -39.61 -20.57 -32.26
N ARG B 306 -39.68 -19.85 -33.36
CA ARG B 306 -39.40 -18.41 -33.36
C ARG B 306 -40.55 -17.60 -32.78
N ALA B 307 -41.78 -18.11 -32.93
CA ALA B 307 -42.95 -17.47 -32.32
C ALA B 307 -42.89 -17.61 -30.80
N LEU B 308 -42.38 -18.73 -30.31
CA LEU B 308 -42.31 -19.01 -28.87
C LEU B 308 -41.12 -18.31 -28.24
N LYS B 309 -39.99 -18.34 -28.95
CA LYS B 309 -38.79 -17.61 -28.56
C LYS B 309 -39.12 -16.13 -28.42
N ARG B 310 -39.80 -15.59 -29.43
CA ARG B 310 -40.17 -14.18 -29.41
C ARG B 310 -41.09 -13.87 -28.23
N THR B 311 -42.02 -14.77 -27.94
CA THR B 311 -42.89 -14.63 -26.78
C THR B 311 -42.07 -14.64 -25.49
N ALA B 312 -41.14 -15.57 -25.40
CA ALA B 312 -40.26 -15.74 -24.24
C ALA B 312 -39.37 -14.51 -24.00
N GLU B 313 -38.60 -14.12 -25.01
CA GLU B 313 -37.80 -12.89 -24.98
C GLU B 313 -38.62 -11.72 -24.44
N ARG B 314 -39.83 -11.58 -24.98
CA ARG B 314 -40.71 -10.45 -24.65
C ARG B 314 -41.16 -10.44 -23.20
N GLU B 315 -41.38 -11.62 -22.63
CA GLU B 315 -41.81 -11.71 -21.24
C GLU B 315 -40.67 -11.40 -20.28
N LEU B 316 -39.47 -11.90 -20.59
CA LEU B 316 -38.30 -11.70 -19.73
C LEU B 316 -37.80 -10.25 -19.78
N LEU B 317 -37.93 -9.61 -20.93
CA LEU B 317 -37.40 -8.27 -21.14
C LEU B 317 -38.32 -7.23 -20.51
N MET B 318 -39.63 -7.40 -20.69
CA MET B 318 -40.61 -6.42 -20.23
C MET B 318 -40.86 -6.48 -18.72
N ASN B 319 -40.51 -7.60 -18.09
CA ASN B 319 -40.67 -7.75 -16.65
C ASN B 319 -39.36 -7.79 -15.88
N ALA B 320 -38.28 -7.41 -16.55
CA ALA B 320 -36.98 -7.24 -15.90
C ALA B 320 -36.95 -5.90 -15.17
N ASP B 321 -36.18 -5.82 -14.11
CA ASP B 321 -35.92 -4.55 -13.43
C ASP B 321 -34.82 -3.77 -14.15
N VAL B 322 -33.88 -4.53 -14.72
CA VAL B 322 -32.72 -3.96 -15.40
C VAL B 322 -32.40 -4.77 -16.64
N ILE B 323 -32.02 -4.07 -17.71
CA ILE B 323 -31.50 -4.69 -18.91
C ILE B 323 -30.08 -4.17 -19.11
N CYS B 324 -29.15 -5.09 -19.22
CA CYS B 324 -27.73 -4.78 -19.37
C CYS B 324 -27.27 -5.12 -20.79
N CYS B 325 -26.74 -4.10 -21.45
CA CYS B 325 -26.42 -4.12 -22.87
C CYS B 325 -25.06 -3.46 -23.02
N THR B 326 -24.30 -3.86 -24.02
CA THR B 326 -23.27 -2.97 -24.52
C THR B 326 -24.01 -1.79 -25.19
N CYS B 327 -23.36 -0.64 -25.30
CA CYS B 327 -23.97 0.53 -25.92
C CYS B 327 -24.53 0.20 -27.31
N VAL B 328 -23.70 -0.42 -28.15
CA VAL B 328 -24.10 -0.81 -29.49
C VAL B 328 -25.22 -1.84 -29.46
N GLY B 329 -25.16 -2.74 -28.48
CA GLY B 329 -26.16 -3.77 -28.30
C GLY B 329 -27.50 -3.27 -27.79
N ALA B 330 -27.59 -1.97 -27.48
CA ALA B 330 -28.86 -1.35 -27.12
C ALA B 330 -29.77 -1.22 -28.33
N GLY B 331 -29.16 -1.18 -29.51
CA GLY B 331 -29.88 -1.14 -30.77
C GLY B 331 -30.42 -2.49 -31.21
N ASP B 332 -30.23 -3.52 -30.39
CA ASP B 332 -30.66 -4.87 -30.72
C ASP B 332 -32.15 -4.89 -31.12
N PRO B 333 -32.48 -5.57 -32.21
CA PRO B 333 -33.87 -5.73 -32.63
C PRO B 333 -34.78 -6.28 -31.52
N ARG B 334 -34.33 -7.30 -30.79
CA ARG B 334 -35.07 -7.85 -29.64
C ARG B 334 -35.55 -6.82 -28.58
N LEU B 335 -34.88 -5.66 -28.50
CA LEU B 335 -35.36 -4.52 -27.74
C LEU B 335 -36.19 -3.58 -28.61
N ALA B 336 -36.98 -4.15 -29.52
CA ALA B 336 -37.75 -3.35 -30.48
C ALA B 336 -38.89 -2.65 -29.76
N LYS B 337 -38.97 -1.33 -29.93
CA LYS B 337 -40.09 -0.52 -29.46
C LYS B 337 -40.30 -0.58 -27.94
N MET B 338 -39.21 -0.81 -27.22
CA MET B 338 -39.17 -0.59 -25.78
C MET B 338 -38.56 0.78 -25.58
N GLN B 339 -39.11 1.54 -24.64
CA GLN B 339 -38.50 2.80 -24.22
C GLN B 339 -37.99 2.63 -22.80
N PHE B 340 -37.11 3.53 -22.39
CA PHE B 340 -36.46 3.46 -21.09
C PHE B 340 -36.35 4.85 -20.50
N ARG B 341 -37.03 5.05 -19.38
CA ARG B 341 -37.03 6.32 -18.69
C ARG B 341 -35.61 6.69 -18.23
N SER B 342 -34.99 5.81 -17.45
CA SER B 342 -33.67 6.08 -16.91
C SER B 342 -32.63 5.25 -17.62
N ILE B 343 -31.47 5.86 -17.88
CA ILE B 343 -30.38 5.21 -18.61
C ILE B 343 -29.05 5.58 -17.96
N LEU B 344 -28.28 4.57 -17.58
CA LEU B 344 -26.93 4.76 -17.05
C LEU B 344 -25.93 4.09 -17.97
N ILE B 345 -24.80 4.76 -18.22
CA ILE B 345 -23.75 4.21 -19.09
C ILE B 345 -22.47 4.26 -18.31
N ASP B 346 -21.91 3.09 -17.98
CA ASP B 346 -20.64 3.01 -17.25
C ASP B 346 -19.46 2.98 -18.23
N GLU B 347 -18.28 3.38 -17.77
CA GLU B 347 -17.09 3.34 -18.60
C GLU B 347 -17.37 4.15 -19.89
N SER B 348 -18.10 5.24 -19.76
CA SER B 348 -18.65 5.98 -20.92
C SER B 348 -17.64 6.85 -21.67
N THR B 349 -16.58 7.29 -21.00
CA THR B 349 -15.50 8.00 -21.67
C THR B 349 -14.68 7.11 -22.61
N GLN B 350 -15.05 5.83 -22.71
CA GLN B 350 -14.41 4.88 -23.60
C GLN B 350 -15.22 4.60 -24.86
N ALA B 351 -16.40 5.22 -24.94
CA ALA B 351 -17.23 5.15 -26.14
C ALA B 351 -17.17 6.48 -26.91
N THR B 352 -17.33 6.39 -28.23
CA THR B 352 -17.51 7.58 -29.06
C THR B 352 -18.90 8.11 -28.77
N GLU B 353 -19.13 9.39 -29.04
CA GLU B 353 -20.43 9.98 -28.76
C GLU B 353 -21.59 9.29 -29.51
N PRO B 354 -21.45 9.01 -30.80
CA PRO B 354 -22.51 8.29 -31.53
C PRO B 354 -22.82 6.90 -30.95
N GLU B 355 -21.82 6.25 -30.40
CA GLU B 355 -22.01 4.99 -29.70
C GLU B 355 -22.95 5.15 -28.49
N CYS B 356 -22.71 6.15 -27.66
CA CYS B 356 -23.56 6.46 -26.50
C CYS B 356 -24.98 6.83 -26.88
N MET B 357 -25.15 7.42 -28.04
CA MET B 357 -26.47 7.88 -28.44
C MET B 357 -27.37 6.70 -28.82
N VAL B 358 -26.80 5.54 -29.09
CA VAL B 358 -27.61 4.36 -29.42
C VAL B 358 -28.62 4.05 -28.31
N PRO B 359 -28.18 3.89 -27.06
CA PRO B 359 -29.12 3.76 -25.93
C PRO B 359 -29.93 5.03 -25.62
N VAL B 360 -29.32 6.21 -25.70
CA VAL B 360 -29.96 7.45 -25.27
C VAL B 360 -31.26 7.74 -25.99
N VAL B 361 -31.32 7.39 -27.26
CA VAL B 361 -32.50 7.67 -28.06
C VAL B 361 -33.64 6.69 -27.83
N LEU B 362 -33.50 5.78 -26.87
CA LEU B 362 -34.59 4.87 -26.51
C LEU B 362 -35.51 5.47 -25.44
N GLY B 363 -35.69 6.79 -25.47
CA GLY B 363 -36.67 7.49 -24.65
C GLY B 363 -36.16 8.12 -23.36
N ALA B 364 -34.87 8.41 -23.31
CA ALA B 364 -34.23 8.92 -22.09
C ALA B 364 -34.94 10.15 -21.52
N LYS B 365 -35.41 10.03 -20.27
CA LYS B 365 -35.85 11.16 -19.45
C LYS B 365 -34.79 11.50 -18.41
N GLN B 366 -33.95 10.52 -18.08
CA GLN B 366 -32.85 10.67 -17.14
C GLN B 366 -31.63 9.90 -17.65
N LEU B 367 -30.46 10.55 -17.61
CA LEU B 367 -29.23 9.95 -18.12
C LEU B 367 -28.08 10.23 -17.16
N ILE B 368 -27.34 9.17 -16.81
CA ILE B 368 -26.14 9.28 -15.99
C ILE B 368 -24.96 8.64 -16.72
N LEU B 369 -23.93 9.43 -16.95
CA LEU B 369 -22.71 8.97 -17.58
C LEU B 369 -21.64 8.88 -16.51
N VAL B 370 -21.00 7.72 -16.43
CA VAL B 370 -19.97 7.41 -15.46
C VAL B 370 -18.72 7.07 -16.26
N GLY B 371 -17.59 7.62 -15.87
CA GLY B 371 -16.33 7.37 -16.55
C GLY B 371 -15.21 8.18 -15.96
N ASP B 372 -14.21 8.51 -16.78
CA ASP B 372 -13.07 9.31 -16.34
C ASP B 372 -12.30 9.80 -17.55
N HIS B 373 -12.47 11.10 -17.82
CA HIS B 373 -11.79 11.75 -18.94
C HIS B 373 -10.29 12.01 -18.71
N CYS B 374 -9.77 11.65 -17.53
CA CYS B 374 -8.34 11.66 -17.26
C CYS B 374 -7.66 10.31 -17.59
N GLN B 375 -8.43 9.34 -18.05
CA GLN B 375 -7.90 8.05 -18.52
C GLN B 375 -8.16 7.96 -20.04
N LEU B 376 -7.87 6.80 -20.65
CA LEU B 376 -7.94 6.66 -22.12
C LEU B 376 -9.32 6.91 -22.69
N GLY B 377 -9.35 7.57 -23.84
CA GLY B 377 -10.58 7.83 -24.55
C GLY B 377 -10.91 6.68 -25.48
N PRO B 378 -11.91 6.88 -26.35
CA PRO B 378 -12.37 5.83 -27.27
C PRO B 378 -11.38 5.48 -28.37
N VAL B 379 -11.37 4.22 -28.80
CA VAL B 379 -10.52 3.79 -29.90
C VAL B 379 -11.16 4.23 -31.22
N VAL B 380 -10.38 4.92 -32.04
CA VAL B 380 -10.82 5.36 -33.36
C VAL B 380 -9.70 5.07 -34.34
N MET B 381 -10.01 4.21 -35.31
CA MET B 381 -9.03 3.75 -36.29
C MET B 381 -8.74 4.80 -37.35
N CYS B 382 -9.77 5.51 -37.79
CA CYS B 382 -9.60 6.52 -38.82
C CYS B 382 -9.12 7.79 -38.16
N LYS B 383 -7.87 8.15 -38.45
CA LYS B 383 -7.25 9.31 -37.85
C LYS B 383 -8.00 10.58 -38.21
N LYS B 384 -8.38 10.70 -39.49
CA LYS B 384 -9.08 11.89 -39.96
C LYS B 384 -10.40 12.08 -39.20
N ALA B 385 -11.08 10.98 -38.90
CA ALA B 385 -12.33 11.03 -38.13
C ALA B 385 -12.07 11.48 -36.70
N ALA B 386 -11.01 10.97 -36.10
CA ALA B 386 -10.65 11.28 -34.71
C ALA B 386 -10.32 12.76 -34.52
N LYS B 387 -9.45 13.28 -35.38
CA LYS B 387 -9.05 14.69 -35.34
C LYS B 387 -10.23 15.62 -35.57
N ALA B 388 -11.15 15.21 -36.45
CA ALA B 388 -12.38 15.98 -36.69
C ALA B 388 -13.41 15.90 -35.54
N GLY B 389 -13.22 15.00 -34.58
CA GLY B 389 -14.02 14.99 -33.35
C GLY B 389 -14.63 13.68 -32.87
N LEU B 390 -14.37 12.58 -33.57
CA LEU B 390 -14.93 11.28 -33.18
C LEU B 390 -14.25 10.67 -31.94
N SER B 391 -13.04 11.15 -31.64
CA SER B 391 -12.29 10.68 -30.47
C SER B 391 -12.74 11.31 -29.16
N GLN B 392 -13.56 12.35 -29.22
CA GLN B 392 -14.14 12.94 -28.02
C GLN B 392 -15.45 12.23 -27.62
N SER B 393 -15.45 11.62 -26.44
CA SER B 393 -16.67 11.00 -25.89
C SER B 393 -17.70 12.06 -25.51
N LEU B 394 -18.96 11.62 -25.44
CA LEU B 394 -20.09 12.44 -24.98
C LEU B 394 -19.79 13.07 -23.64
N PHE B 395 -19.31 12.25 -22.72
CA PHE B 395 -18.85 12.69 -21.41
C PHE B 395 -17.89 13.92 -21.49
N GLU B 396 -16.81 13.80 -22.27
CA GLU B 396 -15.83 14.89 -22.39
C GLU B 396 -16.45 16.16 -22.97
N ARG B 397 -17.28 16.02 -23.99
CA ARG B 397 -17.91 17.16 -24.65
C ARG B 397 -18.82 17.94 -23.67
N LEU B 398 -19.52 17.22 -22.82
CA LEU B 398 -20.39 17.84 -21.81
C LEU B 398 -19.57 18.57 -20.73
N VAL B 399 -18.39 18.06 -20.40
CA VAL B 399 -17.47 18.72 -19.47
C VAL B 399 -16.99 20.04 -20.10
N VAL B 400 -16.75 20.02 -21.40
CA VAL B 400 -16.27 21.21 -22.12
C VAL B 400 -17.39 22.27 -22.16
N LEU B 401 -18.63 21.82 -22.13
CA LEU B 401 -19.78 22.71 -22.09
C LEU B 401 -20.05 23.28 -20.70
N GLY B 402 -19.45 22.68 -19.67
CA GLY B 402 -19.53 23.21 -18.31
C GLY B 402 -20.24 22.34 -17.28
N ILE B 403 -20.78 21.20 -17.71
CA ILE B 403 -21.38 20.25 -16.78
C ILE B 403 -20.29 19.63 -15.89
N ARG B 404 -20.19 20.10 -14.65
CA ARG B 404 -19.14 19.64 -13.73
C ARG B 404 -19.44 18.24 -13.19
N PRO B 405 -18.53 17.29 -13.41
CA PRO B 405 -18.68 15.95 -12.82
C PRO B 405 -18.55 15.93 -11.30
N ILE B 406 -19.33 15.07 -10.67
CA ILE B 406 -19.16 14.73 -9.27
C ILE B 406 -18.05 13.69 -9.20
N ARG B 407 -17.02 13.93 -8.40
CA ARG B 407 -15.88 13.03 -8.36
C ARG B 407 -15.89 12.08 -7.15
N LEU B 408 -15.77 10.79 -7.43
CA LEU B 408 -15.51 9.77 -6.39
C LEU B 408 -14.03 9.87 -6.01
N GLN B 409 -13.75 10.15 -4.74
CA GLN B 409 -12.39 10.47 -4.32
C GLN B 409 -11.70 9.42 -3.47
N VAL B 410 -12.39 8.35 -3.10
CA VAL B 410 -11.80 7.28 -2.30
C VAL B 410 -11.40 6.08 -3.16
N GLN B 411 -10.10 5.88 -3.37
CA GLN B 411 -9.59 4.73 -4.13
C GLN B 411 -9.29 3.51 -3.24
N TYR B 412 -9.82 2.36 -3.65
CA TYR B 412 -9.68 1.12 -2.90
C TYR B 412 -8.72 0.11 -3.51
N ARG B 413 -7.83 0.55 -4.40
CA ARG B 413 -6.99 -0.37 -5.17
C ARG B 413 -5.54 -0.47 -4.71
N MET B 414 -4.85 0.66 -4.58
CA MET B 414 -3.39 0.63 -4.42
C MET B 414 -2.89 1.15 -3.07
N HIS B 415 -1.74 0.59 -2.67
CA HIS B 415 -0.94 1.07 -1.55
C HIS B 415 -0.87 2.60 -1.64
N PRO B 416 -1.14 3.30 -0.54
CA PRO B 416 -1.15 4.78 -0.53
C PRO B 416 0.01 5.46 -1.27
N ALA B 417 1.18 4.82 -1.27
CA ALA B 417 2.37 5.36 -1.92
C ALA B 417 2.17 5.46 -3.43
N LEU B 418 1.68 4.37 -4.01
CA LEU B 418 1.43 4.28 -5.45
C LEU B 418 0.44 5.34 -5.94
N SER B 419 -0.54 5.68 -5.11
CA SER B 419 -1.58 6.65 -5.46
C SER B 419 -1.14 8.11 -5.39
N ALA B 420 0.05 8.37 -4.85
CA ALA B 420 0.49 9.73 -4.54
C ALA B 420 0.74 10.56 -5.78
N PHE B 421 1.59 10.07 -6.67
CA PHE B 421 1.96 10.83 -7.86
C PHE B 421 0.77 11.01 -8.81
N PRO B 422 0.06 9.94 -9.18
CA PRO B 422 -1.13 10.08 -10.03
C PRO B 422 -2.21 11.02 -9.44
N SER B 423 -2.44 10.95 -8.14
CA SER B 423 -3.42 11.80 -7.48
C SER B 423 -3.05 13.27 -7.61
N ASN B 424 -1.78 13.57 -7.36
CA ASN B 424 -1.30 14.95 -7.33
C ASN B 424 -1.25 15.59 -8.71
N ILE B 425 -0.72 14.88 -9.70
CA ILE B 425 -0.55 15.43 -11.04
C ILE B 425 -1.84 15.39 -11.89
N PHE B 426 -2.61 14.31 -11.78
CA PHE B 426 -3.78 14.10 -12.63
C PHE B 426 -5.12 14.42 -11.99
N TYR B 427 -5.16 14.55 -10.68
CA TYR B 427 -6.42 14.72 -9.95
C TYR B 427 -6.39 15.83 -8.89
N GLU B 428 -5.55 16.84 -9.11
CA GLU B 428 -5.45 18.00 -8.21
C GLU B 428 -5.24 17.60 -6.74
N GLY B 429 -4.55 16.49 -6.55
CA GLY B 429 -4.31 15.89 -5.25
C GLY B 429 -5.53 15.68 -4.37
N SER B 430 -6.66 15.30 -4.98
CA SER B 430 -7.93 15.20 -4.23
C SER B 430 -8.23 13.78 -3.73
N LEU B 431 -7.44 12.81 -4.16
CA LEU B 431 -7.71 11.41 -3.83
C LEU B 431 -7.39 11.09 -2.38
N GLN B 432 -8.10 10.09 -1.86
CA GLN B 432 -7.94 9.57 -0.52
C GLN B 432 -7.96 8.06 -0.61
N ASN B 433 -7.38 7.38 0.38
CA ASN B 433 -7.27 5.92 0.32
C ASN B 433 -8.27 5.23 1.24
N GLY B 434 -8.99 4.26 0.69
CA GLY B 434 -9.83 3.35 1.45
C GLY B 434 -9.08 2.08 1.79
N VAL B 435 -7.81 2.04 1.41
CA VAL B 435 -6.88 1.03 1.88
C VAL B 435 -5.62 1.69 2.41
N THR B 436 -5.05 1.08 3.45
CA THR B 436 -3.82 1.56 4.08
C THR B 436 -2.62 0.79 3.58
N ALA B 437 -1.43 1.19 4.04
CA ALA B 437 -0.17 0.55 3.64
C ALA B 437 -0.13 -0.93 3.99
N ALA B 438 -0.61 -1.28 5.18
CA ALA B 438 -0.61 -2.67 5.66
C ALA B 438 -1.75 -3.47 5.04
N ASP B 439 -2.80 -2.79 4.59
CA ASP B 439 -3.88 -3.40 3.81
C ASP B 439 -3.38 -3.92 2.46
N ARG B 440 -2.31 -3.30 1.95
CA ARG B 440 -1.69 -3.69 0.68
C ARG B 440 -0.22 -3.99 0.86
N VAL B 441 0.07 -4.96 1.74
CA VAL B 441 1.40 -5.53 1.89
C VAL B 441 1.22 -7.05 1.95
N LYS B 442 1.90 -7.76 1.04
CA LYS B 442 1.78 -9.20 0.96
C LYS B 442 2.44 -9.87 2.17
N LYS B 443 1.97 -11.08 2.49
CA LYS B 443 2.36 -11.78 3.72
C LYS B 443 3.28 -12.94 3.39
N GLY B 444 4.39 -13.04 4.12
CA GLY B 444 5.41 -14.03 3.84
C GLY B 444 6.17 -13.70 2.57
N PHE B 445 6.15 -12.43 2.18
CA PHE B 445 6.75 -11.98 0.93
C PHE B 445 8.14 -11.47 1.24
N ASP B 446 9.16 -12.21 0.82
CA ASP B 446 10.53 -11.82 1.10
C ASP B 446 11.20 -11.30 -0.18
N PHE B 447 10.61 -10.21 -0.65
CA PHE B 447 11.14 -9.42 -1.75
C PHE B 447 11.38 -8.05 -1.12
N GLN B 448 12.65 -7.71 -0.92
CA GLN B 448 12.99 -6.47 -0.23
C GLN B 448 13.11 -5.29 -1.19
N TRP B 449 12.24 -4.30 -0.98
CA TRP B 449 12.22 -3.07 -1.76
C TRP B 449 13.32 -2.15 -1.23
N PRO B 450 13.85 -1.27 -2.09
CA PRO B 450 14.87 -0.30 -1.67
C PRO B 450 14.41 0.53 -0.47
N GLN B 451 13.14 0.94 -0.47
CA GLN B 451 12.51 1.58 0.67
C GLN B 451 11.29 0.74 1.09
N PRO B 452 11.33 0.13 2.28
CA PRO B 452 10.28 -0.79 2.75
C PRO B 452 8.83 -0.33 2.58
N ASP B 453 8.46 0.84 3.13
CA ASP B 453 7.08 1.34 3.00
C ASP B 453 6.78 2.07 1.67
N LYS B 454 7.56 1.79 0.63
CA LYS B 454 7.33 2.34 -0.70
C LYS B 454 7.53 1.21 -1.72
N PRO B 455 6.47 0.44 -1.99
CA PRO B 455 6.52 -0.66 -2.96
C PRO B 455 6.65 -0.18 -4.41
N MET B 456 7.75 0.49 -4.70
CA MET B 456 7.97 1.10 -6.01
C MET B 456 9.43 1.44 -6.20
N PHE B 457 9.88 1.42 -7.45
CA PHE B 457 11.16 2.01 -7.81
C PHE B 457 11.39 2.05 -9.32
N PHE B 458 12.01 3.13 -9.78
CA PHE B 458 12.49 3.23 -11.14
C PHE B 458 13.88 2.62 -11.23
N TYR B 459 13.96 1.43 -11.84
CA TYR B 459 15.24 0.79 -12.13
C TYR B 459 15.91 1.47 -13.31
N VAL B 460 17.07 2.07 -13.06
CA VAL B 460 17.83 2.76 -14.10
C VAL B 460 18.55 1.74 -14.97
N THR B 461 17.96 1.45 -16.11
CA THR B 461 18.53 0.57 -17.11
C THR B 461 19.17 1.41 -18.21
N GLN B 462 20.50 1.40 -18.23
CA GLN B 462 21.25 2.06 -19.28
C GLN B 462 21.43 1.07 -20.43
N GLY B 463 20.63 1.22 -21.47
CA GLY B 463 20.63 0.27 -22.58
C GLY B 463 20.15 0.83 -23.92
N GLN B 464 20.47 0.10 -24.99
CA GLN B 464 20.19 0.58 -26.35
C GLN B 464 18.85 0.10 -26.89
N GLU B 465 18.26 0.95 -27.72
CA GLU B 465 17.01 0.68 -28.42
C GLU B 465 17.26 0.59 -29.93
N GLU B 466 17.05 -0.61 -30.49
CA GLU B 466 17.10 -0.81 -31.94
C GLU B 466 15.68 -0.83 -32.52
N ILE B 467 15.57 -0.94 -33.84
CA ILE B 467 14.29 -1.02 -34.54
C ILE B 467 14.17 -2.39 -35.19
N ALA B 468 13.88 -3.40 -34.36
CA ALA B 468 13.86 -4.80 -34.79
C ALA B 468 13.26 -5.01 -36.17
N SER B 469 14.03 -5.66 -37.05
CA SER B 469 13.60 -5.89 -38.44
C SER B 469 12.16 -6.41 -38.50
N SER B 470 11.25 -5.49 -38.82
CA SER B 470 9.82 -5.79 -38.94
C SER B 470 9.11 -4.60 -39.60
N GLY B 471 9.32 -3.41 -39.04
CA GLY B 471 8.73 -2.19 -39.58
C GLY B 471 8.98 -1.01 -38.67
N THR B 472 7.91 -0.31 -38.32
CA THR B 472 7.99 0.84 -37.41
C THR B 472 7.67 0.40 -35.97
N SER B 473 8.69 -0.16 -35.31
CA SER B 473 8.59 -0.51 -33.89
C SER B 473 9.96 -0.68 -33.23
N TYR B 474 10.10 -0.10 -32.04
CA TYR B 474 11.34 -0.15 -31.27
C TYR B 474 11.30 -1.27 -30.24
N LEU B 475 12.45 -1.52 -29.62
CA LEU B 475 12.58 -2.47 -28.51
C LEU B 475 13.95 -2.28 -27.84
N ASN B 476 13.97 -2.29 -26.51
CA ASN B 476 15.22 -2.18 -25.76
C ASN B 476 15.71 -3.57 -25.34
N ARG B 477 16.73 -4.05 -26.04
CA ARG B 477 17.26 -5.40 -25.83
C ARG B 477 17.73 -5.64 -24.39
N THR B 478 18.42 -4.64 -23.83
CA THR B 478 18.94 -4.71 -22.47
C THR B 478 17.83 -4.62 -21.43
N GLU B 479 16.83 -3.81 -21.72
CA GLU B 479 15.72 -3.56 -20.79
C GLU B 479 14.83 -4.78 -20.63
N ALA B 480 14.69 -5.55 -21.70
CA ALA B 480 13.91 -6.78 -21.67
C ALA B 480 14.57 -7.78 -20.74
N ALA B 481 15.90 -7.76 -20.69
CA ALA B 481 16.67 -8.61 -19.80
C ALA B 481 16.43 -8.25 -18.33
N ASN B 482 16.36 -6.95 -18.04
CA ASN B 482 16.20 -6.48 -16.68
C ASN B 482 14.80 -6.74 -16.16
N VAL B 483 13.81 -6.62 -17.03
CA VAL B 483 12.43 -6.91 -16.68
C VAL B 483 12.28 -8.40 -16.37
N GLU B 484 13.05 -9.23 -17.07
CA GLU B 484 13.05 -10.68 -16.83
C GLU B 484 13.55 -10.99 -15.43
N LYS B 485 14.62 -10.31 -15.01
CA LYS B 485 15.19 -10.54 -13.69
C LYS B 485 14.21 -10.09 -12.61
N ILE B 486 13.50 -9.00 -12.88
CA ILE B 486 12.48 -8.50 -11.95
C ILE B 486 11.36 -9.53 -11.81
N THR B 487 10.95 -10.08 -12.95
CA THR B 487 9.85 -11.03 -13.03
C THR B 487 10.21 -12.34 -12.32
N THR B 488 11.45 -12.78 -12.53
CA THR B 488 11.96 -13.99 -11.90
C THR B 488 12.09 -13.78 -10.39
N LYS B 489 12.45 -12.57 -9.97
CA LYS B 489 12.63 -12.27 -8.55
C LYS B 489 11.30 -12.21 -7.81
N LEU B 490 10.27 -11.71 -8.49
CA LEU B 490 8.92 -11.66 -7.94
C LEU B 490 8.31 -13.06 -7.78
N LEU B 491 8.58 -13.94 -8.75
CA LEU B 491 7.98 -15.26 -8.79
C LEU B 491 8.63 -16.23 -7.80
N LYS B 492 9.96 -16.21 -7.75
CA LYS B 492 10.70 -17.06 -6.82
C LYS B 492 10.71 -16.48 -5.41
N ALA B 493 10.03 -15.35 -5.21
CA ALA B 493 9.82 -14.77 -3.88
C ALA B 493 8.39 -15.00 -3.37
N GLY B 494 7.50 -15.44 -4.25
CA GLY B 494 6.15 -15.77 -3.86
C GLY B 494 5.05 -15.44 -4.87
N ALA B 495 5.03 -14.19 -5.33
CA ALA B 495 3.95 -13.66 -6.17
C ALA B 495 3.56 -14.58 -7.32
N LYS B 496 2.25 -14.69 -7.57
CA LYS B 496 1.74 -15.59 -8.60
C LYS B 496 1.96 -14.94 -9.96
N PRO B 497 2.16 -15.75 -11.00
CA PRO B 497 2.40 -15.24 -12.35
C PRO B 497 1.31 -14.34 -12.90
N ASP B 498 0.05 -14.74 -12.73
CA ASP B 498 -1.09 -14.01 -13.28
C ASP B 498 -1.43 -12.72 -12.53
N GLN B 499 -0.67 -12.43 -11.47
CA GLN B 499 -0.77 -11.18 -10.74
C GLN B 499 0.45 -10.29 -10.99
N ILE B 500 1.15 -10.58 -12.08
CA ILE B 500 2.24 -9.76 -12.59
C ILE B 500 1.82 -9.31 -13.99
N GLY B 501 1.89 -8.01 -14.25
CA GLY B 501 1.59 -7.45 -15.55
C GLY B 501 2.75 -6.60 -16.03
N ILE B 502 3.20 -6.83 -17.25
CA ILE B 502 4.26 -6.05 -17.84
C ILE B 502 3.65 -5.10 -18.88
N ILE B 503 3.84 -3.80 -18.69
CA ILE B 503 3.32 -2.79 -19.59
C ILE B 503 4.46 -2.10 -20.36
N THR B 504 4.35 -2.06 -21.68
CA THR B 504 5.33 -1.38 -22.55
C THR B 504 4.61 -0.75 -23.76
N PRO B 505 5.05 0.42 -24.21
CA PRO B 505 4.38 1.11 -25.34
C PRO B 505 4.57 0.49 -26.73
N TYR B 506 5.63 -0.28 -26.93
CA TYR B 506 5.96 -0.78 -28.27
C TYR B 506 5.66 -2.27 -28.43
N GLU B 507 5.22 -2.63 -29.64
CA GLU B 507 4.96 -4.02 -30.02
C GLU B 507 6.27 -4.83 -30.12
N GLY B 508 7.36 -4.14 -30.44
CA GLY B 508 8.66 -4.80 -30.58
C GLY B 508 9.20 -5.31 -29.25
N GLN B 509 8.97 -4.55 -28.18
CA GLN B 509 9.38 -5.00 -26.85
C GLN B 509 8.48 -6.13 -26.38
N ARG B 510 7.19 -6.02 -26.68
CA ARG B 510 6.19 -7.05 -26.39
C ARG B 510 6.58 -8.41 -26.95
N SER B 511 6.82 -8.44 -28.26
CA SER B 511 7.15 -9.67 -28.98
C SER B 511 8.47 -10.21 -28.45
N TYR B 512 9.44 -9.31 -28.28
CA TYR B 512 10.75 -9.69 -27.77
C TYR B 512 10.68 -10.25 -26.34
N LEU B 513 9.77 -9.72 -25.53
CA LEU B 513 9.66 -10.12 -24.12
C LEU B 513 9.07 -11.52 -23.97
N VAL B 514 8.02 -11.80 -24.74
CA VAL B 514 7.37 -13.12 -24.72
C VAL B 514 8.37 -14.19 -25.18
N GLN B 515 9.13 -13.88 -26.22
CA GLN B 515 10.12 -14.81 -26.78
C GLN B 515 11.37 -14.91 -25.88
N TYR B 516 11.76 -13.81 -25.23
CA TYR B 516 12.99 -13.80 -24.43
C TYR B 516 12.80 -14.53 -23.09
N MET B 517 11.57 -14.49 -22.57
CA MET B 517 11.20 -15.26 -21.38
C MET B 517 10.78 -16.65 -21.84
N GLN B 518 11.75 -17.38 -22.38
CA GLN B 518 11.54 -18.67 -23.05
C GLN B 518 12.89 -19.12 -23.66
N PHE B 519 13.37 -18.36 -24.64
CA PHE B 519 14.69 -18.56 -25.25
C PHE B 519 15.76 -18.84 -24.20
N SER B 520 15.86 -17.94 -23.23
CA SER B 520 16.88 -18.00 -22.18
C SER B 520 16.40 -17.31 -20.89
N GLY B 521 15.33 -17.86 -20.31
CA GLY B 521 14.85 -17.44 -19.01
C GLY B 521 15.49 -18.29 -17.92
N SER B 522 15.25 -17.90 -16.67
CA SER B 522 15.81 -18.62 -15.52
C SER B 522 14.93 -19.80 -15.09
N LEU B 523 13.66 -19.76 -15.46
CA LEU B 523 12.70 -20.85 -15.19
C LEU B 523 12.00 -21.27 -16.47
N HIS B 524 11.13 -22.29 -16.36
CA HIS B 524 10.45 -22.87 -17.52
C HIS B 524 9.37 -21.95 -18.06
N THR B 525 8.96 -22.19 -19.30
CA THR B 525 8.11 -21.25 -20.04
C THR B 525 6.66 -21.20 -19.55
N LYS B 526 6.30 -22.02 -18.56
CA LYS B 526 4.95 -22.01 -18.01
C LYS B 526 4.70 -20.89 -17.00
N LEU B 527 5.71 -20.57 -16.20
CA LEU B 527 5.61 -19.46 -15.25
C LEU B 527 5.44 -18.12 -15.99
N TYR B 528 6.21 -17.94 -17.05
CA TYR B 528 6.17 -16.69 -17.82
C TYR B 528 5.02 -16.62 -18.81
N GLN B 529 4.51 -17.77 -19.25
CA GLN B 529 3.35 -17.84 -20.16
C GLN B 529 2.12 -17.15 -19.57
N GLU B 530 2.01 -17.17 -18.24
CA GLU B 530 0.90 -16.55 -17.51
C GLU B 530 1.13 -15.06 -17.22
N VAL B 531 2.37 -14.62 -17.25
CA VAL B 531 2.68 -13.20 -17.12
C VAL B 531 2.17 -12.46 -18.35
N GLU B 532 1.31 -11.48 -18.12
CA GLU B 532 0.63 -10.78 -19.20
C GLU B 532 1.41 -9.55 -19.65
N ILE B 533 1.73 -9.54 -20.94
CA ILE B 533 2.54 -8.47 -21.52
C ILE B 533 1.68 -7.74 -22.55
N ALA B 534 1.65 -6.41 -22.48
CA ALA B 534 0.84 -5.60 -23.38
C ALA B 534 1.15 -4.10 -23.26
N SER B 535 0.57 -3.32 -24.16
CA SER B 535 0.56 -1.86 -24.03
C SER B 535 -0.53 -1.45 -23.03
N VAL B 536 -0.54 -0.16 -22.66
CA VAL B 536 -1.53 0.35 -21.68
C VAL B 536 -2.96 0.10 -22.13
N ASP B 537 -3.19 0.17 -23.44
CA ASP B 537 -4.52 0.01 -24.03
C ASP B 537 -5.18 -1.23 -23.49
N ALA B 538 -4.47 -2.35 -23.60
CA ALA B 538 -4.99 -3.65 -23.21
C ALA B 538 -5.24 -3.78 -21.71
N PHE B 539 -4.65 -2.89 -20.91
CA PHE B 539 -4.77 -2.92 -19.45
C PHE B 539 -5.83 -1.97 -18.87
N GLN B 540 -6.52 -1.20 -19.71
CA GLN B 540 -7.55 -0.29 -19.20
C GLN B 540 -8.66 -1.08 -18.52
N GLY B 541 -9.15 -0.55 -17.41
CA GLY B 541 -10.26 -1.17 -16.69
C GLY B 541 -9.87 -2.44 -15.99
N ARG B 542 -8.57 -2.59 -15.71
CA ARG B 542 -8.03 -3.81 -15.15
C ARG B 542 -6.91 -3.52 -14.15
N GLU B 543 -6.54 -4.55 -13.39
CA GLU B 543 -5.55 -4.42 -12.34
C GLU B 543 -4.78 -5.72 -12.17
N LYS B 544 -3.60 -5.60 -11.56
CA LYS B 544 -2.78 -6.72 -11.14
C LYS B 544 -2.13 -6.37 -9.81
N ASP B 545 -1.57 -7.36 -9.13
CA ASP B 545 -0.86 -7.10 -7.88
C ASP B 545 0.43 -6.34 -8.11
N PHE B 546 1.11 -6.66 -9.21
CA PHE B 546 2.42 -6.08 -9.50
C PHE B 546 2.52 -5.68 -10.96
N ILE B 547 3.14 -4.53 -11.21
CA ILE B 547 3.24 -3.95 -12.55
C ILE B 547 4.68 -3.55 -12.82
N ILE B 548 5.21 -4.02 -13.95
CA ILE B 548 6.53 -3.62 -14.43
C ILE B 548 6.38 -2.78 -15.69
N LEU B 549 6.70 -1.49 -15.60
CA LEU B 549 6.74 -0.63 -16.78
C LEU B 549 8.06 -0.81 -17.51
N SER B 550 7.98 -0.95 -18.82
CA SER B 550 9.15 -0.98 -19.68
C SER B 550 9.00 0.12 -20.73
N CYS B 551 9.59 1.27 -20.44
CA CYS B 551 9.54 2.44 -21.30
C CYS B 551 10.80 2.45 -22.13
N VAL B 552 10.79 1.75 -23.26
CA VAL B 552 12.03 1.43 -23.98
C VAL B 552 12.82 2.65 -24.47
N ARG B 553 11.86 3.81 -24.49
CA ARG B 553 12.11 5.25 -24.37
C ARG B 553 10.76 5.93 -24.48
N ILE B 560 5.45 7.32 -28.67
CA ILE B 560 4.07 6.86 -28.50
C ILE B 560 3.86 6.17 -27.16
N GLY B 561 2.61 5.80 -26.88
CA GLY B 561 2.26 5.05 -25.69
C GLY B 561 2.23 5.89 -24.41
N PHE B 562 2.67 5.31 -23.30
CA PHE B 562 2.54 5.96 -21.99
C PHE B 562 3.59 7.03 -21.66
N LEU B 563 4.37 7.44 -22.67
CA LEU B 563 5.35 8.52 -22.49
C LEU B 563 5.06 9.77 -23.32
N ASN B 564 3.93 9.78 -24.04
CA ASN B 564 3.50 10.94 -24.81
C ASN B 564 2.20 11.52 -24.26
N ASP B 565 1.21 10.65 -24.08
CA ASP B 565 -0.12 11.04 -23.59
C ASP B 565 -0.09 11.10 -22.08
N PRO B 566 -0.48 12.23 -21.48
CA PRO B 566 -0.65 12.30 -20.02
C PRO B 566 -1.61 11.24 -19.48
N ARG B 567 -2.70 10.99 -20.20
CA ARG B 567 -3.71 10.02 -19.77
C ARG B 567 -3.21 8.58 -19.84
N ARG B 568 -2.32 8.29 -20.78
CA ARG B 568 -1.68 6.96 -20.83
C ARG B 568 -0.72 6.72 -19.65
N LEU B 569 0.00 7.76 -19.22
CA LEU B 569 0.86 7.63 -18.06
C LEU B 569 0.04 7.42 -16.79
N ASN B 570 -1.08 8.12 -16.66
CA ASN B 570 -1.95 7.99 -15.49
C ASN B 570 -2.41 6.55 -15.35
N VAL B 571 -2.90 6.00 -16.46
CA VAL B 571 -3.40 4.62 -16.50
C VAL B 571 -2.29 3.62 -16.18
N ALA B 572 -1.10 3.85 -16.73
CA ALA B 572 0.03 2.96 -16.50
C ALA B 572 0.48 2.94 -15.03
N LEU B 573 0.26 4.04 -14.32
CA LEU B 573 0.69 4.18 -12.91
C LEU B 573 -0.41 3.87 -11.91
N THR B 574 -1.55 3.40 -12.40
CA THR B 574 -2.68 3.10 -11.53
C THR B 574 -3.23 1.70 -11.72
N ARG B 575 -2.49 0.83 -12.39
CA ARG B 575 -2.88 -0.57 -12.57
C ARG B 575 -2.53 -1.47 -11.37
N ALA B 576 -1.53 -1.08 -10.58
CA ALA B 576 -0.98 -1.94 -9.54
C ALA B 576 -1.72 -1.83 -8.20
N ARG B 577 -1.74 -2.94 -7.47
CA ARG B 577 -2.34 -3.01 -6.15
C ARG B 577 -1.25 -2.94 -5.11
N TYR B 578 -0.25 -3.81 -5.23
CA TYR B 578 0.80 -3.96 -4.21
C TYR B 578 2.11 -3.26 -4.54
N GLY B 579 2.46 -3.14 -5.82
CA GLY B 579 3.69 -2.44 -6.20
C GLY B 579 3.95 -2.22 -7.67
N VAL B 580 4.61 -1.10 -7.99
CA VAL B 580 5.01 -0.75 -9.35
C VAL B 580 6.53 -0.70 -9.45
N ILE B 581 7.06 -1.08 -10.60
CA ILE B 581 8.49 -1.00 -10.83
C ILE B 581 8.70 -0.58 -12.27
N ILE B 582 9.31 0.58 -12.46
CA ILE B 582 9.50 1.15 -13.79
C ILE B 582 10.92 0.89 -14.24
N VAL B 583 11.08 0.60 -15.53
CA VAL B 583 12.38 0.24 -16.09
C VAL B 583 12.60 1.08 -17.33
N GLY B 584 13.67 1.86 -17.32
CA GLY B 584 13.97 2.76 -18.42
C GLY B 584 15.26 3.54 -18.26
N ASN B 585 15.45 4.50 -19.16
CA ASN B 585 16.67 5.30 -19.20
C ASN B 585 16.30 6.74 -18.81
N PRO B 586 16.68 7.18 -17.60
CA PRO B 586 16.26 8.50 -17.11
C PRO B 586 16.66 9.66 -18.01
N LYS B 587 17.84 9.57 -18.64
CA LYS B 587 18.36 10.64 -19.48
C LYS B 587 17.42 10.92 -20.66
N ALA B 588 16.92 9.84 -21.25
CA ALA B 588 16.07 9.91 -22.43
C ALA B 588 14.63 10.33 -22.09
N LEU B 589 14.07 9.75 -21.04
CA LEU B 589 12.71 10.07 -20.60
C LEU B 589 12.54 11.51 -20.14
N SER B 590 13.64 12.11 -19.66
CA SER B 590 13.63 13.46 -19.09
C SER B 590 13.13 14.52 -20.07
N LYS B 591 13.29 14.25 -21.38
CA LYS B 591 12.79 15.14 -22.42
C LYS B 591 11.29 15.43 -22.26
N GLN B 592 10.50 14.38 -22.02
CA GLN B 592 9.07 14.55 -21.73
C GLN B 592 8.94 15.21 -20.35
N PRO B 593 8.29 16.36 -20.24
CA PRO B 593 8.17 17.08 -18.97
C PRO B 593 7.54 16.25 -17.84
N LEU B 594 6.49 15.49 -18.16
CA LEU B 594 5.77 14.67 -17.19
C LEU B 594 6.67 13.60 -16.57
N TRP B 595 7.56 13.05 -17.38
CA TRP B 595 8.49 12.02 -16.94
C TRP B 595 9.63 12.59 -16.09
N ASN B 596 10.16 13.75 -16.49
CA ASN B 596 11.17 14.45 -15.71
C ASN B 596 10.68 14.70 -14.28
N HIS B 597 9.40 15.03 -14.17
CA HIS B 597 8.78 15.29 -12.89
C HIS B 597 8.62 13.99 -12.11
N LEU B 598 8.25 12.91 -12.80
CA LEU B 598 8.15 11.59 -12.18
C LEU B 598 9.50 11.15 -11.61
N LEU B 599 10.57 11.44 -12.33
CA LEU B 599 11.90 11.01 -11.94
C LEU B 599 12.41 11.82 -10.76
N ASN B 600 12.11 13.12 -10.75
CA ASN B 600 12.49 13.99 -9.63
C ASN B 600 11.73 13.65 -8.36
N TYR B 601 10.50 13.16 -8.51
CA TYR B 601 9.70 12.72 -7.36
C TYR B 601 10.24 11.42 -6.79
N TYR B 602 10.57 10.47 -7.67
CA TYR B 602 11.11 9.19 -7.24
C TYR B 602 12.45 9.34 -6.53
N LYS B 603 13.19 10.40 -6.86
CA LYS B 603 14.48 10.67 -6.24
C LYS B 603 14.33 11.14 -4.79
N GLU B 604 13.33 11.99 -4.53
CA GLU B 604 13.05 12.46 -3.17
C GLU B 604 12.68 11.30 -2.24
N GLN B 605 11.90 10.36 -2.77
CA GLN B 605 11.49 9.18 -2.01
C GLN B 605 12.59 8.09 -1.99
N LYS B 606 13.68 8.35 -2.70
CA LYS B 606 14.88 7.51 -2.71
C LYS B 606 14.63 6.14 -3.32
N VAL B 607 13.83 6.12 -4.39
CA VAL B 607 13.49 4.90 -5.09
C VAL B 607 13.89 4.97 -6.58
N LEU B 608 14.81 5.88 -6.91
CA LEU B 608 15.43 5.91 -8.24
C LEU B 608 16.76 5.17 -8.11
N VAL B 609 16.68 3.85 -8.14
CA VAL B 609 17.80 2.98 -7.82
C VAL B 609 18.56 2.50 -9.04
N GLU B 610 19.68 1.82 -8.79
CA GLU B 610 20.59 1.34 -9.84
C GLU B 610 21.50 0.21 -9.34
N GLY B 611 22.02 -0.58 -10.28
CA GLY B 611 22.97 -1.64 -9.97
C GLY B 611 22.30 -3.01 -9.90
N PRO B 612 23.06 -4.03 -9.48
CA PRO B 612 22.51 -5.39 -9.32
C PRO B 612 21.23 -5.41 -8.48
N LEU B 613 20.26 -6.20 -8.93
CA LEU B 613 18.95 -6.30 -8.27
C LEU B 613 19.06 -6.79 -6.82
N ASN B 614 20.00 -7.71 -6.59
CA ASN B 614 20.18 -8.31 -5.27
C ASN B 614 20.85 -7.38 -4.25
N ASN B 615 21.60 -6.39 -4.75
CA ASN B 615 22.20 -5.35 -3.89
C ASN B 615 21.88 -3.97 -4.46
N LEU B 616 20.58 -3.65 -4.45
CA LEU B 616 20.09 -2.38 -5.00
C LEU B 616 20.57 -1.18 -4.19
N ARG B 617 20.93 -0.09 -4.89
CA ARG B 617 21.49 1.11 -4.25
C ARG B 617 20.66 2.37 -4.59
N GLU B 618 21.29 3.39 -5.18
CA GLU B 618 20.63 4.68 -5.38
C GLU B 618 21.42 5.56 -6.37
N SER B 619 20.84 5.77 -7.54
CA SER B 619 21.47 6.55 -8.61
C SER B 619 21.60 8.04 -8.29
N LEU B 620 22.63 8.65 -8.87
CA LEU B 620 22.88 10.09 -8.75
C LEU B 620 23.20 10.67 -10.12
N MET B 621 22.24 10.55 -11.04
CA MET B 621 22.39 11.06 -12.41
C MET B 621 22.17 12.56 -12.42
MG MG C . 17.87 9.54 18.89
P PO4 D . 14.17 12.63 21.72
O1 PO4 D . 15.08 12.66 22.93
O2 PO4 D . 14.01 11.25 21.15
O3 PO4 D . 14.72 13.51 20.63
O4 PO4 D . 12.82 13.10 22.15
PB ADP E . 17.95 12.95 18.82
O1B ADP E . 18.63 11.66 18.62
O2B ADP E . 16.68 12.77 19.67
O3B ADP E . 18.85 13.96 19.51
PA ADP E . 18.44 13.40 16.13
O1A ADP E . 19.86 13.43 16.46
O2A ADP E . 18.08 12.13 15.33
O3A ADP E . 17.50 13.54 17.42
O5' ADP E . 18.04 14.73 15.35
C5' ADP E . 18.30 14.69 13.98
C4' ADP E . 17.59 15.83 13.29
O4' ADP E . 17.87 17.13 13.75
C3' ADP E . 17.96 15.79 11.80
O3' ADP E . 16.78 15.52 11.07
C2' ADP E . 18.78 17.05 11.55
O2' ADP E . 18.33 17.75 10.41
C1' ADP E . 18.62 17.88 12.82
N9 ADP E . 19.95 18.27 13.36
C8 ADP E . 20.57 17.83 14.49
N7 ADP E . 21.77 18.46 14.58
C5 ADP E . 21.90 19.29 13.53
C6 ADP E . 22.92 20.17 13.14
N6 ADP E . 23.89 20.49 13.98
N1 ADP E . 22.77 20.89 11.98
C2 ADP E . 21.61 20.77 11.22
N3 ADP E . 20.62 19.90 11.61
C4 ADP E . 20.77 19.18 12.75
MG MG F . -15.66 -0.41 -13.33
P PO4 G . -10.38 1.87 -13.39
O1 PO4 G . -10.84 1.41 -12.02
O2 PO4 G . -8.88 1.82 -13.45
O3 PO4 G . -10.83 3.30 -13.61
O4 PO4 G . -10.92 0.93 -14.42
PB ADP H . -14.16 0.87 -10.66
O1B ADP H . -15.33 0.46 -11.47
O2B ADP H . -12.89 0.85 -11.52
O3B ADP H . -14.34 2.27 -10.08
PA ADP H . -15.19 -0.88 -8.77
O1A ADP H . -16.34 0.02 -8.66
O2A ADP H . -15.58 -2.17 -9.53
O3A ADP H . -13.95 -0.17 -9.48
O5' ADP H . -14.56 -1.18 -7.34
C5' ADP H . -15.04 -2.35 -6.72
C4' ADP H . -14.13 -2.74 -5.58
O4' ADP H . -13.71 -1.71 -4.70
C3' ADP H . -14.81 -3.80 -4.73
O3' ADP H . -14.05 -5.00 -4.77
C2' ADP H . -15.15 -3.13 -3.41
O2' ADP H . -14.85 -3.98 -2.31
C1' ADP H . -14.30 -1.85 -3.42
N9 ADP H . -15.12 -0.69 -3.05
C8 ADP H . -15.52 0.35 -3.83
N7 ADP H . -16.25 1.20 -3.07
C5 ADP H . -16.30 0.71 -1.81
C6 ADP H . -16.90 1.17 -0.65
N6 ADP H . -17.54 2.35 -0.63
N1 ADP H . -16.78 0.44 0.52
C2 ADP H . -16.06 -0.74 0.52
N3 ADP H . -15.47 -1.19 -0.63
C4 ADP H . -15.59 -0.48 -1.78
#